data_4O2E
#
_entry.id   4O2E
#
_cell.length_a   79.939
_cell.length_b   103.967
_cell.length_c   122.424
_cell.angle_alpha   90.00
_cell.angle_beta   90.00
_cell.angle_gamma   90.00
#
_symmetry.space_group_name_H-M   'P 21 21 21'
#
loop_
_entity.id
_entity.type
_entity.pdbx_description
1 polymer 'HLA class I histocompatibility antigen, B-39 alpha chain'
2 polymer Beta-2-microglobulin
3 polymer 'Peptide from ATP-dependent RNA helicase DDX3X'
4 water water
#
loop_
_entity_poly.entity_id
_entity_poly.type
_entity_poly.pdbx_seq_one_letter_code
_entity_poly.pdbx_strand_id
1 'polypeptide(L)'
;GSHSMRYFYTSVSRPGRGEPRFISVGYVDDTQFVRFDSDAASPREEPRAPWIEQEGPEYWDRNTQICKTNTQTDRESLRN
LRGYYNQSEAGSHTLQRMYGCDVGPDGRLLRGHNQFAYDGKDYIALNEDLSSWTAADTAAQITQRKWEAARVAEQLRTYL
EGTCVEWLRRYLENGKETLQRADPPKTHVTHHPISDHEATLRCWALGFYPAEITLTWQRDGEDQTQDTELVETRPAGDRT
FQKWAAVVVPSGEEQRYTCHVQHEGLPKPLTLRW
;
A,D
2 'polypeptide(L)'
;IQRTPKIQVYSRHPAENGKSNFLNCYVSGFHPSDIEVDLLKNGERIEKVEHSDLSFSKDWSFYLLYYTEFTPTEKDEYAC
RVNHVTLSQPKIVKWDRDM
;
B,E
3 'polypeptide(L)' SHVAVENAL C,F
#
# COMPACT_ATOMS: atom_id res chain seq x y z
N GLY A 1 0.65 -38.42 3.89
CA GLY A 1 -0.52 -37.67 4.32
C GLY A 1 -0.38 -36.18 4.08
N SER A 2 -0.46 -35.77 2.84
CA SER A 2 -0.21 -34.41 2.57
C SER A 2 1.04 -33.62 2.35
N HIS A 3 2.02 -34.38 2.02
CA HIS A 3 3.24 -34.05 1.29
C HIS A 3 3.23 -33.38 -0.08
N SER A 4 4.25 -32.54 -0.32
CA SER A 4 4.32 -31.80 -1.56
C SER A 4 5.75 -31.74 -2.12
N MET A 5 5.85 -31.53 -3.43
CA MET A 5 7.12 -31.19 -4.05
C MET A 5 6.92 -29.90 -4.83
N ARG A 6 7.86 -28.97 -4.70
CA ARG A 6 7.76 -27.69 -5.38
C ARG A 6 9.08 -27.28 -6.02
N TYR A 7 9.00 -26.77 -7.23
CA TYR A 7 10.15 -26.11 -7.83
C TYR A 7 9.87 -24.63 -7.94
N PHE A 8 10.89 -23.82 -7.66
CA PHE A 8 10.78 -22.36 -7.74
C PHE A 8 11.84 -21.83 -8.69
N TYR A 9 11.39 -21.25 -9.80
CA TYR A 9 12.31 -20.67 -10.79
C TYR A 9 12.27 -19.16 -10.69
N THR A 10 13.45 -18.54 -10.77
CA THR A 10 13.56 -17.09 -10.78
C THR A 10 14.56 -16.64 -11.84
N SER A 11 14.10 -15.83 -12.78
CA SER A 11 14.97 -15.20 -13.77
C SER A 11 14.89 -13.69 -13.62
N VAL A 12 16.05 -13.04 -13.63
CA VAL A 12 16.14 -11.59 -13.48
C VAL A 12 17.04 -11.02 -14.56
N SER A 13 16.51 -10.08 -15.33
CA SER A 13 17.29 -9.45 -16.40
C SER A 13 18.21 -8.38 -15.84
N ARG A 14 19.30 -8.11 -16.55
CA ARG A 14 20.28 -7.12 -16.14
C ARG A 14 20.83 -6.44 -17.38
N PRO A 15 19.99 -5.59 -18.01
CA PRO A 15 20.31 -4.95 -19.29
C PRO A 15 21.69 -4.30 -19.30
N GLY A 16 22.49 -4.61 -20.31
CA GLY A 16 23.82 -4.02 -20.44
C GLY A 16 24.86 -4.78 -19.65
N ARG A 17 24.42 -5.79 -18.90
CA ARG A 17 25.32 -6.60 -18.10
C ARG A 17 25.15 -8.08 -18.43
N GLY A 18 24.81 -8.36 -19.69
CA GLY A 18 24.69 -9.72 -20.14
C GLY A 18 23.28 -10.27 -20.06
N GLU A 19 23.18 -11.60 -20.17
CA GLU A 19 21.89 -12.28 -20.18
C GLU A 19 21.33 -12.40 -18.76
N PRO A 20 20.00 -12.59 -18.65
CA PRO A 20 19.35 -12.76 -17.36
C PRO A 20 19.90 -13.96 -16.58
N ARG A 21 19.95 -13.84 -15.27
CA ARG A 21 20.40 -14.92 -14.41
C ARG A 21 19.21 -15.80 -14.03
N PHE A 22 19.39 -17.11 -14.14
CA PHE A 22 18.33 -18.07 -13.83
C PHE A 22 18.70 -18.90 -12.61
N ILE A 23 17.80 -18.91 -11.63
CA ILE A 23 18.00 -19.69 -10.42
C ILE A 23 16.82 -20.63 -10.19
N SER A 24 17.13 -21.86 -9.80
CA SER A 24 16.11 -22.84 -9.50
C SER A 24 16.41 -23.52 -8.17
N VAL A 25 15.36 -23.69 -7.35
CA VAL A 25 15.48 -24.48 -6.14
C VAL A 25 14.30 -25.43 -6.05
N GLY A 26 14.52 -26.61 -5.49
CA GLY A 26 13.46 -27.59 -5.36
C GLY A 26 13.25 -27.97 -3.91
N TYR A 27 12.00 -28.18 -3.52
CA TYR A 27 11.66 -28.52 -2.14
C TYR A 27 10.79 -29.77 -2.10
N VAL A 28 11.00 -30.61 -1.10
CA VAL A 28 10.04 -31.58 -0.65
C VAL A 28 9.53 -31.09 0.69
N ASP A 29 8.24 -30.87 0.79
CA ASP A 29 7.67 -30.22 1.96
C ASP A 29 8.47 -28.96 2.26
N ASP A 30 8.99 -28.84 3.49
CA ASP A 30 9.75 -27.65 3.87
C ASP A 30 11.26 -27.84 3.77
N THR A 31 11.68 -28.86 3.04
CA THR A 31 13.09 -29.18 2.92
C THR A 31 13.62 -28.94 1.50
N GLN A 32 14.55 -28.01 1.35
CA GLN A 32 15.18 -27.81 0.05
C GLN A 32 16.11 -28.97 -0.25
N PHE A 33 16.11 -29.45 -1.49
CA PHE A 33 16.93 -30.61 -1.84
C PHE A 33 17.81 -30.42 -3.09
N VAL A 34 17.48 -29.45 -3.93
CA VAL A 34 18.32 -29.14 -5.08
C VAL A 34 18.43 -27.64 -5.35
N ARG A 35 19.45 -27.26 -6.07
CA ARG A 35 19.59 -25.89 -6.56
C ARG A 35 20.34 -25.84 -7.87
N PHE A 36 20.18 -24.73 -8.55
CA PHE A 36 20.83 -24.49 -9.82
C PHE A 36 21.02 -22.99 -10.02
N ASP A 37 22.18 -22.59 -10.53
CA ASP A 37 22.48 -21.19 -10.78
C ASP A 37 23.19 -21.04 -12.11
N SER A 38 22.54 -20.38 -13.06
CA SER A 38 23.06 -20.27 -14.42
C SER A 38 24.37 -19.49 -14.49
N ASP A 39 24.66 -18.69 -13.47
CA ASP A 39 25.90 -17.92 -13.44
C ASP A 39 27.11 -18.77 -13.04
N ALA A 40 26.85 -19.96 -12.48
CA ALA A 40 27.93 -20.83 -12.03
C ALA A 40 28.91 -21.16 -13.15
N ALA A 41 30.16 -21.36 -12.83
CA ALA A 41 31.18 -21.69 -13.82
C ALA A 41 30.79 -22.82 -14.71
N SER A 42 30.40 -23.95 -14.19
CA SER A 42 29.92 -24.93 -15.13
C SER A 42 28.61 -25.43 -14.56
N PRO A 43 27.54 -24.69 -14.81
CA PRO A 43 26.28 -24.86 -14.09
C PRO A 43 25.79 -26.30 -14.04
N ARG A 44 25.52 -26.78 -12.83
CA ARG A 44 24.97 -28.11 -12.61
C ARG A 44 23.89 -28.00 -11.57
N GLU A 45 22.87 -28.84 -11.68
CA GLU A 45 21.95 -28.98 -10.54
C GLU A 45 22.74 -29.67 -9.43
N GLU A 46 22.65 -29.13 -8.22
CA GLU A 46 23.43 -29.61 -7.09
C GLU A 46 22.56 -30.04 -5.92
N PRO A 47 22.99 -31.08 -5.18
CA PRO A 47 22.24 -31.60 -4.03
C PRO A 47 22.27 -30.60 -2.86
N ARG A 48 21.17 -30.53 -2.12
CA ARG A 48 21.08 -29.64 -0.98
C ARG A 48 20.50 -30.35 0.23
N ALA A 49 20.24 -31.65 0.05
CA ALA A 49 19.79 -32.51 1.14
C ALA A 49 20.51 -33.85 1.02
N PRO A 50 20.79 -34.49 2.15
CA PRO A 50 21.58 -35.73 2.15
C PRO A 50 20.93 -36.86 1.35
N TRP A 51 19.61 -36.98 1.42
CA TRP A 51 18.90 -38.10 0.80
C TRP A 51 18.82 -38.05 -0.73
N ILE A 52 19.20 -36.93 -1.33
CA ILE A 52 19.21 -36.83 -2.79
C ILE A 52 20.57 -37.19 -3.36
N GLU A 53 21.61 -37.12 -2.52
CA GLU A 53 22.97 -37.38 -2.96
C GLU A 53 23.13 -38.75 -3.64
N GLN A 54 22.25 -39.68 -3.31
CA GLN A 54 22.37 -41.05 -3.81
C GLN A 54 21.96 -41.22 -5.27
N GLU A 55 21.26 -40.24 -5.82
CA GLU A 55 20.85 -40.31 -7.22
C GLU A 55 22.06 -40.35 -8.14
N GLY A 56 21.98 -41.14 -9.20
CA GLY A 56 23.12 -41.38 -10.07
C GLY A 56 23.35 -40.30 -11.10
N PRO A 57 24.46 -40.41 -11.84
CA PRO A 57 24.89 -39.44 -12.86
C PRO A 57 23.78 -39.06 -13.83
N GLU A 58 22.99 -40.03 -14.27
CA GLU A 58 21.91 -39.77 -15.22
C GLU A 58 20.86 -38.81 -14.67
N TYR A 59 20.58 -38.92 -13.38
CA TYR A 59 19.63 -38.03 -12.73
C TYR A 59 20.13 -36.59 -12.78
N TRP A 60 21.39 -36.40 -12.40
CA TRP A 60 21.99 -35.07 -12.36
C TRP A 60 22.17 -34.48 -13.76
N ASP A 61 22.55 -35.32 -14.72
CA ASP A 61 22.70 -34.88 -16.10
C ASP A 61 21.38 -34.37 -16.68
N ARG A 62 20.32 -35.16 -16.47
CA ARG A 62 19.02 -34.84 -17.02
C ARG A 62 18.47 -33.53 -16.46
N ASN A 63 18.51 -33.40 -15.14
CA ASN A 63 17.99 -32.20 -14.49
C ASN A 63 18.86 -30.97 -14.77
N THR A 64 20.16 -31.18 -14.92
CA THR A 64 21.04 -30.09 -15.30
C THR A 64 20.69 -29.58 -16.70
N GLN A 65 20.43 -30.50 -17.62
CA GLN A 65 20.08 -30.13 -18.99
C GLN A 65 18.73 -29.40 -19.06
N ILE A 66 17.77 -29.86 -18.28
CA ILE A 66 16.48 -29.17 -18.19
C ILE A 66 16.65 -27.76 -17.67
N CYS A 67 17.48 -27.61 -16.64
CA CYS A 67 17.77 -26.30 -16.08
C CYS A 67 18.46 -25.38 -17.09
N LYS A 68 19.38 -25.93 -17.87
CA LYS A 68 20.08 -25.14 -18.89
C LYS A 68 19.12 -24.69 -20.00
N THR A 69 18.21 -25.59 -20.38
CA THR A 69 17.20 -25.26 -21.37
C THR A 69 16.26 -24.18 -20.84
N ASN A 70 15.83 -24.35 -19.59
CA ASN A 70 14.95 -23.37 -18.96
C ASN A 70 15.60 -21.99 -18.89
N THR A 71 16.90 -21.96 -18.64
CA THR A 71 17.64 -20.71 -18.61
C THR A 71 17.43 -19.94 -19.91
N GLN A 72 17.60 -20.64 -21.03
CA GLN A 72 17.43 -20.06 -22.35
C GLN A 72 15.97 -19.69 -22.62
N THR A 73 15.06 -20.60 -22.31
CA THR A 73 13.63 -20.36 -22.50
C THR A 73 13.16 -19.12 -21.73
N ASP A 74 13.62 -18.98 -20.49
CA ASP A 74 13.27 -17.82 -19.67
C ASP A 74 13.77 -16.52 -20.29
N ARG A 75 14.92 -16.57 -20.94
CA ARG A 75 15.45 -15.38 -21.61
C ARG A 75 14.54 -15.02 -22.79
N GLU A 76 14.03 -16.03 -23.47
CA GLU A 76 13.08 -15.81 -24.55
C GLU A 76 11.78 -15.21 -23.99
N SER A 77 11.32 -15.77 -22.88
CA SER A 77 10.10 -15.28 -22.23
C SER A 77 10.21 -13.82 -21.79
N LEU A 78 11.32 -13.47 -21.17
CA LEU A 78 11.54 -12.09 -20.72
C LEU A 78 11.49 -11.11 -21.89
N ARG A 79 12.10 -11.49 -23.01
CA ARG A 79 12.06 -10.65 -24.20
C ARG A 79 10.63 -10.48 -24.70
N ASN A 80 9.90 -11.59 -24.78
CA ASN A 80 8.51 -11.56 -25.19
C ASN A 80 7.64 -10.68 -24.28
N LEU A 81 7.81 -10.86 -22.97
CA LEU A 81 7.05 -10.08 -21.99
C LEU A 81 7.31 -8.59 -22.15
N ARG A 82 8.57 -8.24 -22.31
CA ARG A 82 8.97 -6.84 -22.54
C ARG A 82 8.14 -6.26 -23.69
N GLY A 83 7.96 -7.06 -24.74
CA GLY A 83 7.18 -6.65 -25.90
C GLY A 83 5.70 -6.52 -25.61
N TYR A 84 5.14 -7.50 -24.89
CA TYR A 84 3.71 -7.47 -24.56
C TYR A 84 3.34 -6.19 -23.82
N TYR A 85 4.22 -5.74 -22.93
CA TYR A 85 3.92 -4.58 -22.08
C TYR A 85 4.56 -3.31 -22.61
N ASN A 86 5.09 -3.36 -23.83
CA ASN A 86 5.73 -2.20 -24.43
C ASN A 86 6.74 -1.53 -23.52
N GLN A 87 7.61 -2.34 -22.92
CA GLN A 87 8.64 -1.84 -22.02
C GLN A 87 9.97 -1.68 -22.76
N SER A 88 10.83 -0.80 -22.26
CA SER A 88 12.13 -0.56 -22.89
C SER A 88 13.13 -1.64 -22.49
N GLU A 89 14.33 -1.56 -23.04
CA GLU A 89 15.38 -2.53 -22.74
C GLU A 89 16.24 -2.08 -21.57
N ALA A 90 15.94 -0.93 -21.00
CA ALA A 90 16.78 -0.36 -19.95
C ALA A 90 16.46 -0.88 -18.53
N GLY A 91 15.26 -1.40 -18.35
CA GLY A 91 14.83 -1.82 -17.02
C GLY A 91 15.10 -3.29 -16.71
N SER A 92 15.38 -3.58 -15.45
CA SER A 92 15.48 -4.96 -14.99
C SER A 92 14.09 -5.51 -14.68
N HIS A 93 13.83 -6.74 -15.11
CA HIS A 93 12.54 -7.37 -14.89
C HIS A 93 12.70 -8.78 -14.34
N THR A 94 11.64 -9.29 -13.72
CA THR A 94 11.68 -10.58 -13.05
C THR A 94 10.59 -11.52 -13.52
N LEU A 95 10.97 -12.76 -13.78
CA LEU A 95 10.01 -13.81 -14.11
C LEU A 95 10.13 -14.91 -13.08
N GLN A 96 9.02 -15.24 -12.42
CA GLN A 96 9.02 -16.30 -11.44
C GLN A 96 8.05 -17.41 -11.82
N ARG A 97 8.40 -18.63 -11.46
CA ARG A 97 7.53 -19.77 -11.67
C ARG A 97 7.56 -20.68 -10.46
N MET A 98 6.43 -21.17 -10.04
CA MET A 98 6.39 -22.23 -9.11
C MET A 98 5.44 -23.29 -9.63
N TYR A 99 5.84 -24.54 -9.46
CA TYR A 99 5.02 -25.66 -9.89
C TYR A 99 5.35 -26.90 -9.06
N GLY A 100 4.44 -27.87 -9.09
CA GLY A 100 4.64 -29.10 -8.35
C GLY A 100 3.35 -29.79 -7.97
N CYS A 101 3.47 -30.81 -7.13
CA CYS A 101 2.34 -31.66 -6.78
C CYS A 101 2.17 -31.83 -5.28
N ASP A 102 0.93 -31.99 -4.85
CA ASP A 102 0.62 -32.42 -3.50
C ASP A 102 0.12 -33.86 -3.61
N VAL A 103 0.69 -34.77 -2.81
CA VAL A 103 0.26 -36.16 -2.84
C VAL A 103 -0.58 -36.50 -1.61
N GLY A 104 -1.62 -37.30 -1.80
CA GLY A 104 -2.49 -37.70 -0.70
C GLY A 104 -2.01 -38.97 -0.04
N PRO A 105 -2.65 -39.36 1.08
CA PRO A 105 -2.26 -40.54 1.84
C PRO A 105 -2.37 -41.84 1.02
N ASP A 106 -3.13 -41.81 -0.06
CA ASP A 106 -3.27 -42.97 -0.92
C ASP A 106 -2.18 -43.03 -2.00
N GLY A 107 -1.33 -42.00 -2.03
CA GLY A 107 -0.24 -41.95 -2.98
C GLY A 107 -0.64 -41.35 -4.33
N ARG A 108 -1.82 -40.76 -4.38
CA ARG A 108 -2.31 -40.12 -5.60
C ARG A 108 -2.23 -38.61 -5.52
N LEU A 109 -2.16 -37.97 -6.68
CA LEU A 109 -2.17 -36.51 -6.76
C LEU A 109 -3.41 -35.95 -6.07
N LEU A 110 -3.20 -35.06 -5.12
CA LEU A 110 -4.25 -34.32 -4.45
C LEU A 110 -4.50 -33.01 -5.15
N ARG A 111 -3.44 -32.36 -5.60
CA ARG A 111 -3.54 -31.09 -6.25
C ARG A 111 -2.25 -30.79 -6.98
N GLY A 112 -2.35 -30.33 -8.21
CA GLY A 112 -1.20 -29.91 -9.00
C GLY A 112 -1.14 -28.40 -9.07
N HIS A 113 0.06 -27.86 -9.22
CA HIS A 113 0.27 -26.42 -9.30
C HIS A 113 1.20 -26.07 -10.44
N ASN A 114 0.92 -24.95 -11.11
CA ASN A 114 1.81 -24.40 -12.12
C ASN A 114 1.44 -22.96 -12.40
N GLN A 115 2.15 -22.05 -11.80
CA GLN A 115 1.85 -20.65 -11.94
C GLN A 115 3.09 -19.74 -12.15
N PHE A 116 2.85 -18.57 -12.73
CA PHE A 116 3.92 -17.66 -13.10
C PHE A 116 3.61 -16.25 -12.61
N ALA A 117 4.65 -15.47 -12.35
CA ALA A 117 4.49 -14.06 -12.01
C ALA A 117 5.52 -13.23 -12.75
N TYR A 118 5.10 -12.07 -13.25
CA TYR A 118 6.00 -11.13 -13.90
C TYR A 118 6.11 -9.88 -13.05
N ASP A 119 7.34 -9.50 -12.71
CA ASP A 119 7.58 -8.36 -11.84
C ASP A 119 6.76 -8.41 -10.56
N GLY A 120 6.65 -9.60 -9.98
CA GLY A 120 6.02 -9.77 -8.69
C GLY A 120 4.51 -9.87 -8.69
N LYS A 121 3.91 -9.91 -9.88
CA LYS A 121 2.45 -9.97 -9.99
C LYS A 121 1.99 -11.22 -10.74
N ASP A 122 0.90 -11.82 -10.27
CA ASP A 122 0.29 -12.95 -10.96
C ASP A 122 0.23 -12.69 -12.46
N TYR A 123 0.71 -13.64 -13.24
CA TYR A 123 0.67 -13.50 -14.69
C TYR A 123 -0.25 -14.55 -15.31
N ILE A 124 0.10 -15.82 -15.15
CA ILE A 124 -0.75 -16.91 -15.62
C ILE A 124 -0.62 -18.12 -14.71
N ALA A 125 -1.71 -18.87 -14.56
CA ALA A 125 -1.73 -20.03 -13.69
C ALA A 125 -2.57 -21.15 -14.28
N LEU A 126 -2.09 -22.39 -14.13
CA LEU A 126 -2.85 -23.56 -14.49
C LEU A 126 -3.92 -23.78 -13.43
N ASN A 127 -5.18 -23.90 -13.86
CA ASN A 127 -6.28 -24.12 -12.93
C ASN A 127 -6.23 -25.50 -12.28
N GLU A 128 -6.97 -25.65 -11.18
CA GLU A 128 -6.95 -26.89 -10.42
C GLU A 128 -7.35 -28.10 -11.25
N ASP A 129 -8.12 -27.88 -12.31
CA ASP A 129 -8.54 -28.96 -13.19
C ASP A 129 -7.41 -29.44 -14.09
N LEU A 130 -6.31 -28.68 -14.10
CA LEU A 130 -5.13 -29.02 -14.89
C LEU A 130 -5.45 -29.10 -16.39
N SER A 131 -6.46 -28.35 -16.82
CA SER A 131 -6.86 -28.38 -18.22
C SER A 131 -7.24 -26.99 -18.75
N SER A 132 -7.26 -26.00 -17.87
CA SER A 132 -7.57 -24.63 -18.26
C SER A 132 -6.62 -23.64 -17.57
N TRP A 133 -6.57 -22.41 -18.09
CA TRP A 133 -5.65 -21.40 -17.57
C TRP A 133 -6.39 -20.16 -17.04
N THR A 134 -5.78 -19.51 -16.06
CA THR A 134 -6.24 -18.21 -15.60
C THR A 134 -5.21 -17.14 -15.94
N ALA A 135 -5.54 -16.29 -16.91
CA ALA A 135 -4.66 -15.22 -17.35
C ALA A 135 -5.01 -13.91 -16.65
N ALA A 136 -4.01 -13.26 -16.08
CA ALA A 136 -4.23 -12.07 -15.25
C ALA A 136 -4.55 -10.80 -16.06
N ASP A 137 -4.05 -10.72 -17.28
CA ASP A 137 -4.26 -9.54 -18.11
C ASP A 137 -4.18 -9.86 -19.60
N THR A 138 -4.26 -8.82 -20.44
CA THR A 138 -4.28 -9.03 -21.89
C THR A 138 -2.97 -9.61 -22.41
N ALA A 139 -1.87 -9.29 -21.75
CA ALA A 139 -0.57 -9.86 -22.12
C ALA A 139 -0.58 -11.37 -21.88
N ALA A 140 -1.00 -11.77 -20.69
CA ALA A 140 -1.07 -13.18 -20.33
C ALA A 140 -2.05 -13.96 -21.20
N GLN A 141 -2.99 -13.25 -21.82
CA GLN A 141 -3.93 -13.90 -22.72
C GLN A 141 -3.25 -14.30 -24.03
N ILE A 142 -2.22 -13.56 -24.41
CA ILE A 142 -1.41 -13.91 -25.57
C ILE A 142 -0.69 -15.22 -25.28
N THR A 143 -0.05 -15.29 -24.11
CA THR A 143 0.64 -16.49 -23.69
C THR A 143 -0.29 -17.69 -23.67
N GLN A 144 -1.48 -17.50 -23.10
CA GLN A 144 -2.47 -18.58 -23.00
C GLN A 144 -2.80 -19.17 -24.37
N ARG A 145 -2.98 -18.30 -25.36
CA ARG A 145 -3.29 -18.78 -26.71
C ARG A 145 -2.15 -19.59 -27.32
N LYS A 146 -0.92 -19.17 -27.05
CA LYS A 146 0.23 -19.95 -27.49
C LYS A 146 0.27 -21.30 -26.80
N TRP A 147 -0.05 -21.31 -25.52
CA TRP A 147 0.01 -22.55 -24.72
C TRP A 147 -1.17 -23.47 -24.99
N GLU A 148 -2.29 -22.91 -25.41
CA GLU A 148 -3.42 -23.73 -25.83
C GLU A 148 -3.10 -24.42 -27.15
N ALA A 149 -2.46 -23.68 -28.05
CA ALA A 149 -2.06 -24.22 -29.35
C ALA A 149 -1.01 -25.32 -29.19
N ALA A 150 -0.12 -25.15 -28.22
CA ALA A 150 0.95 -26.12 -27.97
C ALA A 150 0.50 -27.22 -27.02
N ARG A 151 -0.76 -27.17 -26.61
CA ARG A 151 -1.32 -28.15 -25.67
C ARG A 151 -0.45 -28.32 -24.43
N VAL A 152 -0.04 -27.21 -23.85
CA VAL A 152 0.79 -27.22 -22.66
C VAL A 152 0.08 -27.81 -21.46
N ALA A 153 -1.20 -27.48 -21.32
CA ALA A 153 -1.98 -27.98 -20.19
C ALA A 153 -1.96 -29.50 -20.12
N GLU A 154 -2.09 -30.13 -21.28
CA GLU A 154 -2.10 -31.59 -21.37
C GLU A 154 -0.76 -32.19 -20.94
N GLN A 155 0.32 -31.55 -21.34
CA GLN A 155 1.65 -32.03 -21.00
C GLN A 155 1.94 -31.88 -19.51
N LEU A 156 1.50 -30.76 -18.94
CA LEU A 156 1.69 -30.51 -17.51
C LEU A 156 0.83 -31.44 -16.66
N ARG A 157 -0.39 -31.71 -17.11
CA ARG A 157 -1.26 -32.62 -16.38
C ARG A 157 -0.62 -34.00 -16.28
N THR A 158 0.00 -34.42 -17.38
CA THR A 158 0.70 -35.70 -17.43
C THR A 158 1.84 -35.77 -16.42
N TYR A 159 2.67 -34.72 -16.40
CA TYR A 159 3.76 -34.63 -15.44
C TYR A 159 3.25 -34.62 -14.01
N LEU A 160 2.28 -33.75 -13.75
CA LEU A 160 1.76 -33.58 -12.39
C LEU A 160 1.11 -34.85 -11.83
N GLU A 161 0.41 -35.59 -12.67
CA GLU A 161 -0.29 -36.79 -12.23
C GLU A 161 0.61 -38.02 -12.17
N GLY A 162 1.69 -38.00 -12.94
CA GLY A 162 2.59 -39.15 -13.01
C GLY A 162 3.96 -38.88 -12.44
N THR A 163 4.87 -38.47 -13.31
CA THR A 163 6.26 -38.19 -12.95
C THR A 163 6.42 -37.45 -11.63
N CYS A 164 5.71 -36.35 -11.47
CA CYS A 164 5.86 -35.51 -10.28
C CYS A 164 5.59 -36.31 -9.01
N VAL A 165 4.46 -37.00 -8.97
CA VAL A 165 4.08 -37.77 -7.80
C VAL A 165 5.02 -38.95 -7.58
N GLU A 166 5.44 -39.59 -8.65
CA GLU A 166 6.32 -40.74 -8.55
C GLU A 166 7.66 -40.37 -7.92
N TRP A 167 8.23 -39.23 -8.33
CA TRP A 167 9.49 -38.76 -7.75
C TRP A 167 9.33 -38.29 -6.31
N LEU A 168 8.24 -37.59 -6.03
CA LEU A 168 7.96 -37.16 -4.67
C LEU A 168 7.93 -38.35 -3.71
N ARG A 169 7.24 -39.40 -4.10
CA ARG A 169 7.11 -40.56 -3.23
C ARG A 169 8.45 -41.29 -3.08
N ARG A 170 9.26 -41.27 -4.13
CA ARG A 170 10.60 -41.82 -4.05
C ARG A 170 11.46 -41.03 -3.06
N TYR A 171 11.44 -39.71 -3.18
CA TYR A 171 12.17 -38.85 -2.25
C TYR A 171 11.71 -39.09 -0.81
N LEU A 172 10.40 -39.21 -0.63
CA LEU A 172 9.84 -39.40 0.71
C LEU A 172 10.33 -40.70 1.35
N GLU A 173 10.50 -41.74 0.54
CA GLU A 173 11.01 -43.02 1.02
C GLU A 173 12.50 -42.94 1.34
N ASN A 174 13.28 -42.37 0.42
CA ASN A 174 14.71 -42.25 0.60
C ASN A 174 15.12 -41.36 1.77
N GLY A 175 14.33 -40.31 2.01
CA GLY A 175 14.62 -39.41 3.11
C GLY A 175 13.64 -39.53 4.27
N LYS A 176 13.01 -40.69 4.39
CA LYS A 176 11.97 -40.88 5.40
C LYS A 176 12.47 -40.66 6.83
N GLU A 177 13.76 -40.91 7.06
CA GLU A 177 14.34 -40.75 8.39
C GLU A 177 14.23 -39.31 8.89
N THR A 178 14.24 -38.36 7.97
CA THR A 178 14.16 -36.95 8.32
C THR A 178 12.86 -36.31 7.85
N LEU A 179 12.41 -36.69 6.65
CA LEU A 179 11.23 -36.10 6.04
C LEU A 179 9.92 -36.54 6.69
N GLN A 180 9.88 -37.76 7.19
CA GLN A 180 8.65 -38.29 7.77
C GLN A 180 8.77 -38.48 9.28
N ARG A 181 9.62 -37.67 9.90
CA ARG A 181 9.78 -37.66 11.35
C ARG A 181 9.65 -36.22 11.84
N ALA A 182 8.42 -35.80 12.12
CA ALA A 182 8.18 -34.44 12.59
C ALA A 182 8.93 -34.16 13.89
N ASP A 183 9.64 -33.05 13.93
CA ASP A 183 10.37 -32.63 15.12
C ASP A 183 9.55 -31.61 15.89
N PRO A 184 9.00 -32.01 17.04
CA PRO A 184 8.21 -31.10 17.86
C PRO A 184 9.05 -29.93 18.34
N PRO A 185 8.42 -28.78 18.60
CA PRO A 185 9.18 -27.62 19.06
C PRO A 185 9.70 -27.84 20.47
N LYS A 186 10.88 -27.29 20.75
CA LYS A 186 11.32 -27.13 22.12
C LYS A 186 10.72 -25.81 22.58
N THR A 187 10.00 -25.83 23.69
CA THR A 187 9.25 -24.65 24.12
C THR A 187 9.67 -24.15 25.49
N HIS A 188 9.50 -22.85 25.71
CA HIS A 188 9.67 -22.25 27.02
C HIS A 188 9.11 -20.84 27.05
N VAL A 189 8.91 -20.30 28.24
CA VAL A 189 8.37 -18.96 28.38
C VAL A 189 9.37 -18.07 29.10
N THR A 190 9.57 -16.87 28.57
CA THR A 190 10.46 -15.91 29.19
C THR A 190 9.67 -14.72 29.71
N HIS A 191 10.30 -13.95 30.60
CA HIS A 191 9.62 -12.86 31.29
C HIS A 191 10.55 -11.66 31.34
N HIS A 192 10.07 -10.53 30.82
CA HIS A 192 10.91 -9.34 30.70
C HIS A 192 10.22 -8.12 31.27
N PRO A 193 10.59 -7.73 32.49
CA PRO A 193 10.03 -6.54 33.13
C PRO A 193 10.25 -5.28 32.28
N ILE A 194 9.17 -4.61 31.93
CA ILE A 194 9.24 -3.35 31.20
C ILE A 194 9.44 -2.21 32.19
N SER A 195 8.63 -2.24 33.24
CA SER A 195 8.72 -1.25 34.31
C SER A 195 7.90 -1.87 35.43
N ASP A 196 7.56 -1.05 36.43
CA ASP A 196 6.72 -1.51 37.52
C ASP A 196 5.25 -1.79 37.26
N HIS A 197 4.73 -1.19 36.18
CA HIS A 197 3.33 -1.39 35.82
C HIS A 197 3.11 -2.72 35.12
N GLU A 198 4.09 -3.13 34.31
CA GLU A 198 3.89 -4.25 33.41
C GLU A 198 5.17 -4.97 33.02
N ALA A 199 5.02 -6.06 32.28
CA ALA A 199 6.14 -6.86 31.82
C ALA A 199 5.75 -7.69 30.59
N THR A 200 6.74 -8.13 29.83
CA THR A 200 6.47 -8.91 28.63
C THR A 200 6.61 -10.41 28.88
N LEU A 201 5.59 -11.16 28.45
CA LEU A 201 5.65 -12.60 28.44
C LEU A 201 5.85 -13.07 26.99
N ARG A 202 6.95 -13.77 26.75
CA ARG A 202 7.26 -14.28 25.42
C ARG A 202 7.27 -15.80 25.41
N CYS A 203 6.49 -16.39 24.52
CA CYS A 203 6.41 -17.85 24.40
C CYS A 203 7.21 -18.33 23.19
N TRP A 204 8.18 -19.21 23.44
CA TRP A 204 9.10 -19.64 22.39
C TRP A 204 8.80 -21.05 21.85
N ALA A 205 9.03 -21.22 20.55
CA ALA A 205 9.02 -22.53 19.93
C ALA A 205 10.26 -22.65 19.05
N LEU A 206 11.13 -23.60 19.37
CA LEU A 206 12.42 -23.69 18.69
C LEU A 206 12.71 -25.07 18.12
N GLY A 207 13.42 -25.09 17.00
CA GLY A 207 13.89 -26.32 16.40
C GLY A 207 12.81 -27.29 15.95
N PHE A 208 11.71 -26.76 15.44
CA PHE A 208 10.63 -27.62 14.96
C PHE A 208 10.60 -27.80 13.45
N TYR A 209 10.03 -28.92 13.01
CA TYR A 209 9.81 -29.22 11.60
C TYR A 209 8.60 -30.14 11.49
N PRO A 210 7.67 -29.82 10.56
CA PRO A 210 7.75 -28.77 9.55
C PRO A 210 7.48 -27.38 10.12
N ALA A 211 7.35 -26.41 9.22
CA ALA A 211 7.23 -25.00 9.61
C ALA A 211 5.87 -24.66 10.20
N GLU A 212 4.81 -25.31 9.70
CA GLU A 212 3.47 -25.07 10.19
C GLU A 212 3.37 -25.18 11.70
N ILE A 213 2.89 -24.12 12.35
CA ILE A 213 2.75 -24.12 13.80
C ILE A 213 1.77 -23.04 14.24
N THR A 214 1.15 -23.23 15.40
CA THR A 214 0.24 -22.24 15.95
C THR A 214 0.62 -21.87 17.38
N LEU A 215 0.89 -20.58 17.60
CA LEU A 215 1.22 -20.07 18.93
C LEU A 215 0.22 -19.00 19.34
N THR A 216 -0.39 -19.18 20.51
CA THR A 216 -1.36 -18.21 21.00
C THR A 216 -1.27 -18.02 22.51
N TRP A 217 -1.57 -16.80 22.96
CA TRP A 217 -1.64 -16.50 24.38
C TRP A 217 -3.09 -16.40 24.83
N GLN A 218 -3.37 -16.89 26.03
CA GLN A 218 -4.71 -16.81 26.60
C GLN A 218 -4.70 -16.20 27.99
N ARG A 219 -5.69 -15.36 28.26
CA ARG A 219 -5.90 -14.84 29.61
C ARG A 219 -7.21 -15.39 30.18
N ASP A 220 -7.11 -16.20 31.22
CA ASP A 220 -8.29 -16.80 31.84
C ASP A 220 -9.02 -17.73 30.88
N GLY A 221 -8.44 -17.96 29.71
CA GLY A 221 -9.03 -18.86 28.73
C GLY A 221 -9.45 -18.20 27.44
N GLU A 222 -9.33 -16.87 27.39
CA GLU A 222 -9.67 -16.13 26.18
C GLU A 222 -8.43 -15.69 25.41
N ASP A 223 -8.47 -15.89 24.10
CA ASP A 223 -7.33 -15.56 23.24
C ASP A 223 -7.04 -14.06 23.25
N GLN A 224 -5.78 -13.71 23.02
CA GLN A 224 -5.37 -12.31 23.00
C GLN A 224 -4.89 -11.92 21.60
N THR A 225 -5.65 -12.33 20.59
CA THR A 225 -5.29 -12.06 19.20
C THR A 225 -4.94 -10.60 18.96
N GLN A 226 -5.58 -9.71 19.71
CA GLN A 226 -5.43 -8.27 19.48
C GLN A 226 -4.18 -7.68 20.13
N ASP A 227 -3.77 -8.25 21.26
CA ASP A 227 -2.64 -7.69 22.02
C ASP A 227 -1.40 -8.58 21.95
N THR A 228 -1.41 -9.55 21.04
CA THR A 228 -0.29 -10.47 20.91
C THR A 228 0.65 -10.10 19.76
N GLU A 229 1.93 -9.96 20.07
CA GLU A 229 2.95 -9.76 19.06
C GLU A 229 3.42 -11.13 18.55
N LEU A 230 3.27 -11.41 17.28
CA LEU A 230 3.56 -12.72 16.70
C LEU A 230 4.50 -12.56 15.56
N VAL A 231 5.74 -12.98 15.73
CA VAL A 231 6.75 -12.86 14.67
C VAL A 231 6.56 -13.90 13.58
N GLU A 232 7.06 -13.59 12.40
CA GLU A 232 7.02 -14.51 11.27
C GLU A 232 7.87 -15.74 11.58
N THR A 233 7.37 -16.91 11.22
CA THR A 233 8.13 -18.15 11.38
C THR A 233 9.42 -18.02 10.60
N ARG A 234 10.53 -18.39 11.24
CA ARG A 234 11.85 -18.15 10.66
C ARG A 234 12.73 -19.40 10.71
N PRO A 235 13.63 -19.53 9.72
CA PRO A 235 14.53 -20.69 9.66
C PRO A 235 15.65 -20.60 10.69
N ALA A 236 15.93 -21.70 11.38
CA ALA A 236 17.00 -21.72 12.37
C ALA A 236 18.35 -21.80 11.66
N GLY A 237 18.35 -22.31 10.45
CA GLY A 237 19.57 -22.44 9.67
C GLY A 237 20.03 -23.88 9.59
N ASP A 238 19.37 -24.76 10.34
CA ASP A 238 19.72 -26.17 10.36
C ASP A 238 18.57 -27.02 9.83
N ARG A 239 17.66 -26.39 9.12
CA ARG A 239 16.52 -27.02 8.52
C ARG A 239 15.35 -27.14 9.44
N THR A 240 15.46 -26.53 10.61
CA THR A 240 14.33 -26.45 11.54
C THR A 240 13.90 -24.99 11.61
N PHE A 241 12.79 -24.73 12.28
CA PHE A 241 12.23 -23.38 12.32
C PHE A 241 12.03 -22.86 13.73
N GLN A 242 11.80 -21.56 13.83
CA GLN A 242 11.57 -20.90 15.11
C GLN A 242 10.37 -19.97 15.01
N LYS A 243 9.73 -19.72 16.15
CA LYS A 243 8.66 -18.76 16.22
C LYS A 243 8.43 -18.37 17.68
N TRP A 244 8.01 -17.13 17.91
CA TRP A 244 7.57 -16.75 19.25
C TRP A 244 6.37 -15.81 19.23
N ALA A 245 5.64 -15.80 20.33
CA ALA A 245 4.51 -14.91 20.52
C ALA A 245 4.65 -14.23 21.88
N ALA A 246 4.38 -12.93 21.92
CA ALA A 246 4.55 -12.18 23.15
C ALA A 246 3.32 -11.33 23.46
N VAL A 247 3.11 -11.08 24.75
CA VAL A 247 1.99 -10.26 25.20
C VAL A 247 2.42 -9.41 26.38
N VAL A 248 1.88 -8.19 26.47
CA VAL A 248 2.21 -7.31 27.57
C VAL A 248 1.20 -7.47 28.70
N VAL A 249 1.69 -7.82 29.88
CA VAL A 249 0.82 -8.07 31.02
C VAL A 249 1.12 -7.11 32.16
N PRO A 250 0.11 -6.80 32.99
CA PRO A 250 0.28 -5.99 34.19
C PRO A 250 0.98 -6.80 35.28
N SER A 251 1.98 -6.20 35.93
CA SER A 251 2.70 -6.86 37.00
C SER A 251 1.73 -7.46 38.01
N GLY A 252 1.88 -8.75 38.29
CA GLY A 252 1.03 -9.42 39.26
C GLY A 252 -0.08 -10.24 38.62
N GLU A 253 -0.22 -10.11 37.31
CA GLU A 253 -1.26 -10.83 36.59
C GLU A 253 -0.71 -11.89 35.62
N GLU A 254 0.60 -12.09 35.64
CA GLU A 254 1.23 -13.10 34.78
C GLU A 254 0.51 -14.44 34.95
N GLN A 255 -0.03 -14.67 36.13
CA GLN A 255 -0.77 -15.88 36.48
C GLN A 255 -1.87 -16.22 35.48
N ARG A 256 -2.58 -15.21 35.02
CA ARG A 256 -3.76 -15.39 34.18
C ARG A 256 -3.43 -15.78 32.76
N TYR A 257 -2.14 -15.84 32.44
CA TYR A 257 -1.72 -16.06 31.05
C TYR A 257 -1.14 -17.45 30.81
N THR A 258 -1.58 -18.07 29.72
CA THR A 258 -1.06 -19.36 29.30
C THR A 258 -0.76 -19.35 27.80
N CYS A 259 0.35 -19.98 27.41
CA CYS A 259 0.71 -20.08 26.01
C CYS A 259 0.35 -21.45 25.46
N HIS A 260 -0.33 -21.46 24.31
CA HIS A 260 -0.79 -22.70 23.71
C HIS A 260 -0.08 -22.99 22.39
N VAL A 261 0.49 -24.18 22.28
CA VAL A 261 1.30 -24.55 21.14
C VAL A 261 0.74 -25.77 20.41
N GLN A 262 0.49 -25.62 19.11
CA GLN A 262 0.03 -26.73 18.30
C GLN A 262 1.02 -27.03 17.18
N HIS A 263 1.43 -28.28 17.07
CA HIS A 263 2.37 -28.71 16.05
C HIS A 263 2.21 -30.21 15.82
N GLU A 264 2.38 -30.65 14.57
CA GLU A 264 2.12 -32.04 14.21
C GLU A 264 3.10 -33.02 14.85
N GLY A 265 4.20 -32.50 15.38
CA GLY A 265 5.18 -33.33 16.05
C GLY A 265 4.84 -33.60 17.50
N LEU A 266 3.90 -32.84 18.03
CA LEU A 266 3.48 -32.97 19.43
C LEU A 266 2.40 -34.04 19.58
N PRO A 267 2.57 -34.94 20.56
CA PRO A 267 1.53 -35.94 20.87
C PRO A 267 0.21 -35.22 21.14
N LYS A 268 0.28 -34.17 21.96
CA LYS A 268 -0.89 -33.38 22.29
C LYS A 268 -0.47 -31.91 22.35
N PRO A 269 -1.42 -31.00 22.12
CA PRO A 269 -1.13 -29.56 22.22
C PRO A 269 -0.61 -29.20 23.60
N LEU A 270 0.41 -28.34 23.64
CA LEU A 270 1.01 -27.92 24.90
C LEU A 270 0.37 -26.64 25.42
N THR A 271 0.33 -26.50 26.74
CA THR A 271 -0.02 -25.23 27.35
C THR A 271 1.06 -24.88 28.36
N LEU A 272 1.73 -23.76 28.13
CA LEU A 272 2.81 -23.33 29.00
C LEU A 272 2.39 -22.12 29.82
N ARG A 273 3.09 -21.88 30.91
CA ARG A 273 2.84 -20.72 31.74
C ARG A 273 4.14 -20.24 32.36
N TRP A 274 4.14 -19.01 32.87
CA TRP A 274 5.29 -18.47 33.58
C TRP A 274 5.20 -18.80 35.06
N ILE B 1 4.79 -1.51 -6.82
CA ILE B 1 5.22 -2.82 -7.22
C ILE B 1 6.56 -3.16 -6.63
N GLN B 2 7.08 -2.39 -5.70
CA GLN B 2 8.21 -2.95 -4.98
C GLN B 2 7.84 -3.16 -3.50
N ARG B 3 8.49 -4.14 -2.87
CA ARG B 3 8.18 -4.48 -1.49
C ARG B 3 9.43 -4.46 -0.62
N THR B 4 9.37 -3.70 0.47
CA THR B 4 10.51 -3.53 1.36
C THR B 4 10.68 -4.78 2.23
N PRO B 5 11.94 -5.15 2.51
CA PRO B 5 12.21 -6.39 3.25
C PRO B 5 11.86 -6.31 4.73
N LYS B 6 11.20 -7.35 5.23
CA LYS B 6 11.09 -7.56 6.67
C LYS B 6 12.42 -8.14 7.12
N ILE B 7 12.84 -7.82 8.33
CA ILE B 7 14.15 -8.24 8.81
C ILE B 7 14.07 -8.80 10.23
N GLN B 8 14.66 -9.98 10.43
CA GLN B 8 14.77 -10.55 11.76
C GLN B 8 16.21 -10.96 12.03
N VAL B 9 16.77 -10.48 13.13
CA VAL B 9 18.10 -10.89 13.54
C VAL B 9 17.96 -11.73 14.81
N TYR B 10 18.66 -12.86 14.84
CA TYR B 10 18.51 -13.82 15.93
C TYR B 10 19.58 -14.88 15.86
N SER B 11 19.63 -15.75 16.86
CA SER B 11 20.61 -16.83 16.91
C SER B 11 19.94 -18.17 16.68
N ARG B 12 20.68 -19.11 16.09
CA ARG B 12 20.17 -20.45 15.86
C ARG B 12 19.77 -21.12 17.18
N HIS B 13 20.65 -21.04 18.17
CA HIS B 13 20.37 -21.59 19.49
C HIS B 13 20.32 -20.47 20.52
N PRO B 14 19.63 -20.69 21.64
CA PRO B 14 19.56 -19.70 22.71
C PRO B 14 20.95 -19.21 23.10
N ALA B 15 21.12 -17.91 23.28
CA ALA B 15 22.44 -17.31 23.49
C ALA B 15 23.05 -17.67 24.85
N GLU B 16 24.28 -18.19 24.81
CA GLU B 16 25.07 -18.45 26.02
C GLU B 16 26.44 -17.80 25.89
N ASN B 17 26.67 -16.74 26.66
CA ASN B 17 27.96 -16.04 26.64
C ASN B 17 29.14 -17.00 26.71
N GLY B 18 29.96 -16.96 25.71
CA GLY B 18 31.08 -17.85 25.68
C GLY B 18 30.74 -19.10 25.00
N LYS B 19 29.45 -19.33 24.75
CA LYS B 19 29.02 -20.50 24.02
C LYS B 19 28.85 -20.17 22.53
N SER B 20 29.47 -20.98 21.72
CA SER B 20 29.54 -20.83 20.30
C SER B 20 28.18 -21.07 19.65
N ASN B 21 27.89 -20.43 18.52
CA ASN B 21 26.51 -20.33 18.06
C ASN B 21 26.46 -19.85 16.61
N PHE B 22 25.26 -19.49 16.16
CA PHE B 22 25.08 -18.96 14.81
C PHE B 22 24.21 -17.72 14.83
N LEU B 23 24.70 -16.65 14.21
CA LEU B 23 23.95 -15.40 14.10
C LEU B 23 23.17 -15.40 12.79
N ASN B 24 21.87 -15.17 12.87
CA ASN B 24 21.01 -15.19 11.69
C ASN B 24 20.43 -13.82 11.35
N CYS B 25 20.41 -13.51 10.05
CA CYS B 25 19.64 -12.37 9.56
C CYS B 25 18.67 -12.87 8.49
N TYR B 26 17.39 -12.86 8.81
CA TYR B 26 16.37 -13.37 7.91
C TYR B 26 15.65 -12.22 7.23
N VAL B 27 15.86 -12.08 5.93
CA VAL B 27 15.17 -11.06 5.14
C VAL B 27 14.10 -11.72 4.29
N SER B 28 12.90 -11.16 4.32
CA SER B 28 11.77 -11.75 3.61
C SER B 28 10.78 -10.70 3.15
N GLY B 29 9.82 -11.12 2.35
CA GLY B 29 8.74 -10.26 1.90
C GLY B 29 9.17 -9.12 1.01
N PHE B 30 10.32 -9.25 0.35
CA PHE B 30 10.82 -8.18 -0.50
C PHE B 30 10.76 -8.47 -2.00
N HIS B 31 10.74 -7.40 -2.78
CA HIS B 31 10.72 -7.47 -4.23
C HIS B 31 11.15 -6.12 -4.77
N PRO B 32 12.06 -6.10 -5.76
CA PRO B 32 12.66 -7.25 -6.45
C PRO B 32 13.70 -7.97 -5.60
N SER B 33 14.35 -8.97 -6.19
CA SER B 33 15.21 -9.88 -5.45
C SER B 33 16.59 -9.31 -5.12
N ASP B 34 17.02 -8.30 -5.86
CA ASP B 34 18.32 -7.69 -5.59
C ASP B 34 18.36 -7.12 -4.18
N ILE B 35 19.30 -7.61 -3.38
CA ILE B 35 19.41 -7.15 -2.00
C ILE B 35 20.83 -7.34 -1.48
N GLU B 36 21.27 -6.44 -0.60
CA GLU B 36 22.58 -6.56 0.01
C GLU B 36 22.43 -6.67 1.52
N VAL B 37 23.03 -7.71 2.11
CA VAL B 37 22.89 -7.96 3.53
C VAL B 37 24.25 -8.19 4.17
N ASP B 38 24.53 -7.41 5.22
CA ASP B 38 25.78 -7.55 5.98
C ASP B 38 25.49 -7.80 7.45
N LEU B 39 26.24 -8.73 8.04
CA LEU B 39 26.20 -8.94 9.49
C LEU B 39 27.32 -8.14 10.14
N LEU B 40 27.01 -7.48 11.24
CA LEU B 40 27.96 -6.58 11.89
C LEU B 40 28.32 -7.01 13.31
N LYS B 41 29.61 -6.92 13.63
CA LYS B 41 30.07 -7.11 14.99
C LYS B 41 30.67 -5.81 15.50
N ASN B 42 29.96 -5.17 16.43
CA ASN B 42 30.40 -3.90 17.00
C ASN B 42 30.60 -2.83 15.93
N GLY B 43 29.70 -2.82 14.95
CA GLY B 43 29.71 -1.81 13.91
C GLY B 43 30.51 -2.20 12.68
N GLU B 44 31.39 -3.19 12.84
CA GLU B 44 32.25 -3.61 11.73
C GLU B 44 31.68 -4.80 10.98
N ARG B 45 31.89 -4.82 9.66
CA ARG B 45 31.38 -5.88 8.81
C ARG B 45 32.09 -7.20 9.06
N ILE B 46 31.32 -8.29 9.13
CA ILE B 46 31.87 -9.62 9.29
C ILE B 46 32.05 -10.29 7.94
N GLU B 47 33.27 -10.69 7.62
CA GLU B 47 33.51 -11.48 6.41
C GLU B 47 33.13 -12.92 6.69
N LYS B 48 33.12 -13.75 5.65
CA LYS B 48 32.69 -15.13 5.79
C LYS B 48 31.26 -15.19 6.32
N VAL B 49 30.35 -14.57 5.58
CA VAL B 49 28.92 -14.68 5.86
C VAL B 49 28.27 -15.41 4.69
N GLU B 50 27.62 -16.53 5.00
CA GLU B 50 26.97 -17.32 3.96
C GLU B 50 25.47 -17.05 3.93
N HIS B 51 24.85 -17.41 2.80
CA HIS B 51 23.42 -17.19 2.65
C HIS B 51 22.75 -18.34 1.90
N SER B 52 21.44 -18.48 2.10
CA SER B 52 20.67 -19.55 1.47
C SER B 52 20.45 -19.24 -0.01
N ASP B 53 19.94 -20.23 -0.74
CA ASP B 53 19.63 -20.05 -2.16
C ASP B 53 18.33 -19.28 -2.33
N LEU B 54 18.31 -18.35 -3.28
CA LEU B 54 17.15 -17.49 -3.49
C LEU B 54 15.88 -18.31 -3.73
N SER B 55 14.86 -18.05 -2.91
CA SER B 55 13.55 -18.67 -3.09
C SER B 55 12.49 -17.63 -2.77
N PHE B 56 11.23 -18.00 -2.91
CA PHE B 56 10.14 -17.06 -2.66
C PHE B 56 8.88 -17.70 -2.08
N SER B 57 8.03 -16.85 -1.50
CA SER B 57 6.82 -17.30 -0.83
C SER B 57 5.64 -17.34 -1.77
N LYS B 58 4.47 -17.72 -1.24
CA LYS B 58 3.26 -17.85 -2.05
C LYS B 58 2.90 -16.55 -2.76
N ASP B 59 3.19 -15.42 -2.11
CA ASP B 59 2.84 -14.12 -2.68
C ASP B 59 3.94 -13.57 -3.59
N TRP B 60 4.90 -14.43 -3.92
CA TRP B 60 5.99 -14.11 -4.85
C TRP B 60 7.14 -13.31 -4.22
N SER B 61 6.95 -12.83 -3.00
CA SER B 61 8.02 -12.08 -2.33
C SER B 61 9.19 -13.00 -2.00
N PHE B 62 10.40 -12.49 -2.11
CA PHE B 62 11.60 -13.30 -1.91
C PHE B 62 11.99 -13.39 -0.44
N TYR B 63 12.75 -14.42 -0.10
CA TYR B 63 13.33 -14.53 1.23
C TYR B 63 14.72 -15.18 1.19
N LEU B 64 15.59 -14.75 2.10
CA LEU B 64 16.95 -15.25 2.17
C LEU B 64 17.41 -15.29 3.62
N LEU B 65 18.24 -16.28 3.95
CA LEU B 65 18.85 -16.34 5.27
C LEU B 65 20.36 -16.09 5.16
N TYR B 66 20.83 -15.07 5.86
CA TYR B 66 22.26 -14.82 5.97
C TYR B 66 22.69 -15.22 7.37
N TYR B 67 23.81 -15.93 7.46
CA TYR B 67 24.22 -16.49 8.74
C TYR B 67 25.74 -16.60 8.86
N THR B 68 26.22 -16.59 10.09
CA THR B 68 27.64 -16.80 10.36
C THR B 68 27.83 -17.37 11.76
N GLU B 69 28.92 -18.10 11.95
CA GLU B 69 29.22 -18.69 13.25
C GLU B 69 29.81 -17.63 14.15
N PHE B 70 29.31 -17.53 15.37
CA PHE B 70 29.79 -16.50 16.30
C PHE B 70 29.67 -16.94 17.76
N THR B 71 30.42 -16.29 18.63
CA THR B 71 30.37 -16.57 20.06
C THR B 71 29.95 -15.33 20.84
N PRO B 72 28.77 -15.32 21.40
CA PRO B 72 28.28 -14.12 22.05
C PRO B 72 28.94 -13.75 23.39
N THR B 73 28.85 -12.48 23.77
CA THR B 73 29.26 -12.01 25.08
C THR B 73 28.37 -10.93 25.61
N GLU B 74 28.67 -10.49 26.82
CA GLU B 74 27.86 -9.50 27.45
C GLU B 74 27.98 -8.15 26.77
N LYS B 75 29.14 -7.85 26.21
CA LYS B 75 29.31 -6.49 25.71
C LYS B 75 29.22 -6.39 24.18
N ASP B 76 29.71 -7.42 23.48
CA ASP B 76 29.73 -7.41 22.01
C ASP B 76 28.36 -7.10 21.42
N GLU B 77 28.30 -6.08 20.56
CA GLU B 77 27.07 -5.71 19.88
C GLU B 77 27.00 -6.34 18.49
N TYR B 78 25.85 -6.91 18.15
CA TYR B 78 25.66 -7.48 16.83
C TYR B 78 24.44 -6.88 16.14
N ALA B 79 24.47 -6.85 14.82
CA ALA B 79 23.37 -6.27 14.06
C ALA B 79 23.40 -6.75 12.63
N CYS B 80 22.34 -6.40 11.89
CA CYS B 80 22.25 -6.71 10.48
C CYS B 80 22.02 -5.42 9.70
N ARG B 81 22.74 -5.27 8.60
CA ARG B 81 22.62 -4.09 7.75
C ARG B 81 22.11 -4.47 6.37
N VAL B 82 20.91 -3.98 6.03
CA VAL B 82 20.25 -4.38 4.79
C VAL B 82 20.02 -3.19 3.87
N ASN B 83 20.41 -3.35 2.61
CA ASN B 83 20.14 -2.33 1.60
C ASN B 83 19.28 -2.89 0.48
N HIS B 84 18.31 -2.10 0.04
CA HIS B 84 17.35 -2.52 -0.97
C HIS B 84 16.84 -1.29 -1.71
N VAL B 85 16.36 -1.49 -2.93
CA VAL B 85 15.90 -0.38 -3.76
C VAL B 85 14.82 0.44 -3.06
N THR B 86 14.05 -0.21 -2.18
CA THR B 86 12.97 0.46 -1.46
C THR B 86 13.48 1.24 -0.25
N LEU B 87 14.80 1.28 -0.07
CA LEU B 87 15.39 1.94 1.09
C LEU B 87 16.27 3.13 0.69
N SER B 88 15.89 4.32 1.15
CA SER B 88 16.66 5.53 0.88
C SER B 88 18.05 5.42 1.50
N GLN B 89 18.15 4.60 2.54
CA GLN B 89 19.43 4.36 3.20
C GLN B 89 19.42 2.97 3.83
N PRO B 90 20.61 2.38 4.02
CA PRO B 90 20.69 1.06 4.64
C PRO B 90 19.97 1.00 5.98
N LYS B 91 19.21 -0.06 6.19
CA LYS B 91 18.49 -0.26 7.45
C LYS B 91 19.29 -1.18 8.35
N ILE B 92 19.50 -0.75 9.59
CA ILE B 92 20.26 -1.54 10.55
C ILE B 92 19.36 -2.09 11.65
N VAL B 93 19.43 -3.40 11.87
CA VAL B 93 18.66 -4.05 12.91
C VAL B 93 19.61 -4.69 13.92
N LYS B 94 19.56 -4.23 15.16
CA LYS B 94 20.44 -4.76 16.19
C LYS B 94 19.94 -6.09 16.73
N TRP B 95 20.87 -6.99 17.02
CA TRP B 95 20.53 -8.28 17.61
C TRP B 95 20.10 -8.13 19.07
N ASP B 96 18.98 -8.74 19.42
CA ASP B 96 18.50 -8.76 20.79
C ASP B 96 18.28 -10.21 21.22
N ARG B 97 19.10 -10.68 22.14
CA ARG B 97 19.10 -12.08 22.55
C ARG B 97 17.74 -12.56 23.06
N ASP B 98 16.87 -11.61 23.41
CA ASP B 98 15.55 -11.94 23.94
C ASP B 98 14.48 -11.90 22.84
N MET B 99 14.91 -11.83 21.59
CA MET B 99 13.98 -11.77 20.47
C MET B 99 14.45 -12.57 19.26
N SER C 1 12.06 -34.41 -9.49
CA SER C 1 12.64 -34.17 -10.80
C SER C 1 11.86 -33.11 -11.56
N HIS C 2 12.56 -32.33 -12.38
CA HIS C 2 11.97 -31.18 -13.05
C HIS C 2 11.11 -31.62 -14.22
N VAL C 3 10.10 -30.83 -14.53
CA VAL C 3 9.25 -31.14 -15.67
C VAL C 3 10.06 -30.89 -16.96
N ALA C 4 9.95 -31.82 -17.91
CA ALA C 4 10.76 -31.75 -19.12
C ALA C 4 10.09 -30.94 -20.22
N VAL C 5 8.94 -30.35 -19.90
CA VAL C 5 8.21 -29.53 -20.85
C VAL C 5 8.71 -28.09 -20.81
N GLU C 6 8.86 -27.45 -21.95
CA GLU C 6 9.45 -26.14 -22.09
C GLU C 6 8.64 -25.28 -23.07
N ASN C 7 8.12 -24.16 -22.62
CA ASN C 7 7.34 -23.26 -23.49
C ASN C 7 7.54 -21.80 -23.12
N ALA C 8 8.12 -21.03 -24.05
CA ALA C 8 8.30 -19.61 -23.85
C ALA C 8 6.93 -18.96 -23.60
N LEU C 9 6.91 -17.92 -22.77
CA LEU C 9 5.68 -17.17 -22.56
C LEU C 9 5.43 -16.28 -23.78
N GLY D 1 8.52 22.57 7.44
CA GLY D 1 7.95 23.60 6.60
C GLY D 1 6.82 24.34 7.27
N SER D 2 6.05 25.08 6.48
CA SER D 2 4.90 25.81 7.00
C SER D 2 3.65 24.92 7.01
N HIS D 3 2.68 25.27 7.84
CA HIS D 3 1.45 24.50 7.94
C HIS D 3 0.24 25.41 8.03
N SER D 4 -0.95 24.82 7.93
CA SER D 4 -2.17 25.60 7.99
C SER D 4 -3.33 24.79 8.58
N MET D 5 -4.30 25.51 9.16
CA MET D 5 -5.56 24.91 9.56
C MET D 5 -6.68 25.68 8.89
N ARG D 6 -7.67 24.96 8.36
CA ARG D 6 -8.77 25.58 7.66
C ARG D 6 -10.10 24.94 8.04
N TYR D 7 -11.12 25.78 8.23
CA TYR D 7 -12.48 25.29 8.35
C TYR D 7 -13.29 25.78 7.16
N PHE D 8 -14.07 24.88 6.57
CA PHE D 8 -14.89 25.22 5.42
C PHE D 8 -16.36 24.97 5.76
N TYR D 9 -17.15 26.03 5.80
CA TYR D 9 -18.58 25.91 6.08
C TYR D 9 -19.39 26.08 4.81
N THR D 10 -20.40 25.23 4.63
CA THR D 10 -21.31 25.36 3.51
C THR D 10 -22.76 25.23 3.97
N SER D 11 -23.56 26.27 3.72
CA SER D 11 -24.99 26.21 3.95
C SER D 11 -25.75 26.39 2.64
N VAL D 12 -26.73 25.52 2.40
CA VAL D 12 -27.53 25.61 1.18
C VAL D 12 -29.01 25.55 1.52
N SER D 13 -29.76 26.57 1.09
CA SER D 13 -31.20 26.59 1.32
C SER D 13 -31.91 25.67 0.33
N ARG D 14 -33.09 25.20 0.72
CA ARG D 14 -33.87 24.26 -0.09
C ARG D 14 -35.36 24.50 0.13
N PRO D 15 -35.84 25.68 -0.33
CA PRO D 15 -37.22 26.11 -0.09
C PRO D 15 -38.25 25.04 -0.46
N GLY D 16 -39.18 24.78 0.44
CA GLY D 16 -40.20 23.76 0.19
C GLY D 16 -39.79 22.40 0.72
N ARG D 17 -38.52 22.29 1.11
CA ARG D 17 -37.99 21.03 1.61
C ARG D 17 -37.30 21.20 2.96
N GLY D 18 -37.84 22.10 3.78
CA GLY D 18 -37.32 22.30 5.11
C GLY D 18 -36.27 23.40 5.21
N GLU D 19 -35.51 23.39 6.30
CA GLU D 19 -34.52 24.43 6.57
C GLU D 19 -33.19 24.13 5.89
N PRO D 20 -32.35 25.16 5.73
CA PRO D 20 -31.04 25.00 5.08
C PRO D 20 -30.14 24.00 5.78
N ARG D 21 -29.41 23.21 5.00
CA ARG D 21 -28.47 22.23 5.50
C ARG D 21 -27.09 22.86 5.69
N PHE D 22 -26.46 22.60 6.83
CA PHE D 22 -25.16 23.15 7.15
C PHE D 22 -24.10 22.06 7.27
N ILE D 23 -23.00 22.23 6.55
CA ILE D 23 -21.92 21.26 6.55
C ILE D 23 -20.59 21.93 6.86
N SER D 24 -19.85 21.34 7.78
CA SER D 24 -18.54 21.85 8.16
C SER D 24 -17.50 20.76 8.03
N VAL D 25 -16.34 21.12 7.48
CA VAL D 25 -15.20 20.22 7.48
C VAL D 25 -13.96 20.99 7.93
N GLY D 26 -13.05 20.29 8.59
CA GLY D 26 -11.83 20.89 9.08
C GLY D 26 -10.60 20.20 8.51
N TYR D 27 -9.60 20.99 8.13
CA TYR D 27 -8.37 20.46 7.56
C TYR D 27 -7.14 20.99 8.29
N VAL D 28 -6.14 20.14 8.45
CA VAL D 28 -4.79 20.59 8.74
C VAL D 28 -3.97 20.24 7.51
N ASP D 29 -3.43 21.27 6.85
CA ASP D 29 -2.76 21.06 5.57
C ASP D 29 -3.71 20.39 4.58
N ASP D 30 -3.32 19.23 4.04
CA ASP D 30 -4.14 18.52 3.07
C ASP D 30 -4.90 17.36 3.70
N THR D 31 -4.96 17.33 5.03
CA THR D 31 -5.61 16.23 5.73
C THR D 31 -6.88 16.68 6.45
N GLN D 32 -8.01 16.09 6.08
CA GLN D 32 -9.27 16.39 6.76
C GLN D 32 -9.27 15.71 8.11
N PHE D 33 -9.71 16.41 9.16
CA PHE D 33 -9.69 15.83 10.50
C PHE D 33 -11.03 15.84 11.23
N VAL D 34 -11.98 16.64 10.77
CA VAL D 34 -13.32 16.67 11.36
C VAL D 34 -14.40 16.94 10.32
N ARG D 35 -15.62 16.55 10.61
CA ARG D 35 -16.77 16.92 9.81
C ARG D 35 -18.02 17.09 10.68
N PHE D 36 -18.97 17.83 10.17
CA PHE D 36 -20.26 18.01 10.81
C PHE D 36 -21.31 18.16 9.72
N ASP D 37 -22.46 17.52 9.92
CA ASP D 37 -23.57 17.59 8.96
C ASP D 37 -24.88 17.74 9.71
N SER D 38 -25.55 18.88 9.51
CA SER D 38 -26.76 19.20 10.28
C SER D 38 -27.92 18.27 9.94
N ASP D 39 -27.83 17.60 8.79
CA ASP D 39 -28.86 16.65 8.38
C ASP D 39 -28.72 15.28 9.04
N ALA D 40 -27.61 15.06 9.73
CA ALA D 40 -27.34 13.77 10.37
C ALA D 40 -28.39 13.43 11.41
N ALA D 41 -28.63 12.14 11.64
CA ALA D 41 -29.63 11.69 12.61
C ALA D 41 -29.40 12.31 13.98
N SER D 42 -28.14 12.32 14.41
CA SER D 42 -27.75 13.00 15.64
C SER D 42 -26.49 13.81 15.39
N PRO D 43 -26.67 15.04 14.86
CA PRO D 43 -25.56 15.90 14.44
C PRO D 43 -24.48 16.01 15.52
N ARG D 44 -23.31 15.49 15.25
CA ARG D 44 -22.16 15.67 16.13
C ARG D 44 -20.94 16.01 15.26
N GLU D 45 -19.99 16.73 15.81
CA GLU D 45 -18.68 16.87 15.20
C GLU D 45 -18.03 15.49 15.28
N GLU D 46 -17.52 14.99 14.16
CA GLU D 46 -16.95 13.65 14.13
C GLU D 46 -15.51 13.64 13.62
N PRO D 47 -14.68 12.73 14.15
CA PRO D 47 -13.28 12.58 13.75
C PRO D 47 -13.16 12.01 12.35
N ARG D 48 -12.20 12.50 11.57
CA ARG D 48 -11.97 12.01 10.22
C ARG D 48 -10.50 11.66 10.02
N ALA D 49 -9.71 11.83 11.09
CA ALA D 49 -8.30 11.46 11.09
C ALA D 49 -7.93 10.83 12.43
N PRO D 50 -7.09 9.78 12.41
CA PRO D 50 -6.76 9.01 13.61
C PRO D 50 -6.23 9.86 14.76
N TRP D 51 -5.45 10.89 14.46
CA TRP D 51 -4.79 11.67 15.51
C TRP D 51 -5.69 12.67 16.23
N ILE D 52 -6.93 12.81 15.78
CA ILE D 52 -7.87 13.70 16.47
C ILE D 52 -8.72 12.91 17.46
N GLU D 53 -8.78 11.59 17.27
CA GLU D 53 -9.64 10.74 18.08
C GLU D 53 -9.31 10.79 19.56
N GLN D 54 -8.07 11.18 19.87
CA GLN D 54 -7.61 11.22 21.26
C GLN D 54 -8.15 12.42 22.03
N GLU D 55 -8.82 13.34 21.34
CA GLU D 55 -9.41 14.48 22.02
C GLU D 55 -10.54 14.01 22.92
N GLY D 56 -10.72 14.69 24.05
CA GLY D 56 -11.66 14.26 25.08
C GLY D 56 -13.10 14.67 24.84
N PRO D 57 -14.01 14.14 25.65
CA PRO D 57 -15.46 14.42 25.54
C PRO D 57 -15.77 15.92 25.47
N GLU D 58 -15.02 16.74 26.20
CA GLU D 58 -15.28 18.18 26.22
C GLU D 58 -14.99 18.81 24.87
N TYR D 59 -13.93 18.34 24.21
CA TYR D 59 -13.58 18.84 22.88
C TYR D 59 -14.74 18.60 21.92
N TRP D 60 -15.25 17.37 21.90
CA TRP D 60 -16.31 17.01 20.96
C TRP D 60 -17.64 17.70 21.28
N ASP D 61 -17.96 17.81 22.57
CA ASP D 61 -19.17 18.51 22.99
C ASP D 61 -19.14 19.99 22.59
N ARG D 62 -18.04 20.66 22.90
CA ARG D 62 -17.91 22.08 22.60
C ARG D 62 -18.04 22.34 21.10
N ASN D 63 -17.25 21.62 20.31
CA ASN D 63 -17.29 21.81 18.86
C ASN D 63 -18.62 21.42 18.23
N THR D 64 -19.26 20.39 18.79
CA THR D 64 -20.60 20.03 18.34
C THR D 64 -21.58 21.17 18.59
N GLN D 65 -21.52 21.78 19.77
CA GLN D 65 -22.37 22.90 20.07
C GLN D 65 -22.13 24.08 19.17
N ILE D 66 -20.88 24.41 18.93
CA ILE D 66 -20.54 25.48 18.00
C ILE D 66 -21.14 25.26 16.62
N CYS D 67 -21.03 24.03 16.12
CA CYS D 67 -21.59 23.70 14.81
C CYS D 67 -23.11 23.79 14.78
N LYS D 68 -23.77 23.40 15.86
CA LYS D 68 -25.22 23.50 15.94
C LYS D 68 -25.65 24.96 15.96
N THR D 69 -24.94 25.78 16.72
CA THR D 69 -25.20 27.20 16.76
C THR D 69 -24.98 27.82 15.37
N ASN D 70 -23.90 27.42 14.72
CA ASN D 70 -23.60 27.90 13.37
C ASN D 70 -24.70 27.53 12.38
N THR D 71 -25.29 26.34 12.54
CA THR D 71 -26.39 25.94 11.68
C THR D 71 -27.49 27.00 11.74
N GLN D 72 -27.84 27.42 12.93
CA GLN D 72 -28.88 28.38 13.13
C GLN D 72 -28.46 29.76 12.64
N THR D 73 -27.23 30.13 12.91
CA THR D 73 -26.74 31.44 12.49
C THR D 73 -26.70 31.58 10.97
N ASP D 74 -26.27 30.52 10.29
CA ASP D 74 -26.24 30.53 8.83
C ASP D 74 -27.63 30.67 8.23
N ARG D 75 -28.64 30.10 8.89
CA ARG D 75 -30.01 30.25 8.44
C ARG D 75 -30.48 31.70 8.61
N GLU D 76 -30.09 32.33 9.69
CA GLU D 76 -30.32 33.72 9.91
C GLU D 76 -29.62 34.53 8.80
N SER D 77 -28.35 34.23 8.56
CA SER D 77 -27.58 34.92 7.52
C SER D 77 -28.24 34.80 6.15
N LEU D 78 -28.66 33.58 5.80
CA LEU D 78 -29.32 33.36 4.51
C LEU D 78 -30.59 34.19 4.37
N ARG D 79 -31.37 34.28 5.44
CA ARG D 79 -32.57 35.13 5.43
C ARG D 79 -32.19 36.59 5.23
N ASN D 80 -31.21 37.06 5.99
CA ASN D 80 -30.75 38.44 5.85
C ASN D 80 -30.28 38.76 4.43
N LEU D 81 -29.47 37.87 3.87
CA LEU D 81 -28.93 38.04 2.52
C LEU D 81 -30.05 38.16 1.48
N ARG D 82 -31.04 37.29 1.58
CA ARG D 82 -32.20 37.36 0.70
C ARG D 82 -32.83 38.74 0.78
N GLY D 83 -32.78 39.34 1.97
CA GLY D 83 -33.34 40.66 2.19
C GLY D 83 -32.53 41.76 1.52
N TYR D 84 -31.21 41.70 1.68
CA TYR D 84 -30.34 42.71 1.09
C TYR D 84 -30.54 42.79 -0.42
N TYR D 85 -30.70 41.64 -1.05
CA TYR D 85 -30.75 41.56 -2.51
C TYR D 85 -32.17 41.55 -3.05
N ASN D 86 -33.16 41.53 -2.16
CA ASN D 86 -34.56 41.46 -2.56
C ASN D 86 -34.88 40.20 -3.36
N GLN D 87 -34.28 39.09 -2.95
CA GLN D 87 -34.46 37.81 -3.63
C GLN D 87 -35.69 37.06 -3.12
N SER D 88 -36.29 36.24 -3.98
CA SER D 88 -37.47 35.47 -3.64
C SER D 88 -37.14 34.32 -2.69
N GLU D 89 -38.07 33.96 -1.84
CA GLU D 89 -37.95 32.82 -0.96
C GLU D 89 -37.99 31.50 -1.69
N ALA D 90 -38.51 31.48 -2.90
CA ALA D 90 -38.65 30.25 -3.67
C ALA D 90 -37.31 29.77 -4.25
N GLY D 91 -36.29 30.64 -4.20
CA GLY D 91 -35.01 30.32 -4.78
C GLY D 91 -33.99 29.77 -3.79
N SER D 92 -33.23 28.76 -4.23
CA SER D 92 -32.17 28.17 -3.42
C SER D 92 -30.91 29.02 -3.48
N HIS D 93 -30.20 29.13 -2.35
CA HIS D 93 -28.98 29.92 -2.29
C HIS D 93 -27.91 29.25 -1.44
N THR D 94 -26.66 29.67 -1.61
CA THR D 94 -25.55 29.06 -0.92
C THR D 94 -24.71 30.10 -0.18
N LEU D 95 -24.33 29.77 1.05
CA LEU D 95 -23.41 30.61 1.82
C LEU D 95 -22.19 29.79 2.19
N GLN D 96 -21.01 30.29 1.82
CA GLN D 96 -19.77 29.59 2.11
C GLN D 96 -18.84 30.42 2.96
N ARG D 97 -18.13 29.76 3.85
CA ARG D 97 -17.14 30.43 4.67
C ARG D 97 -15.87 29.60 4.78
N MET D 98 -14.73 30.28 4.69
CA MET D 98 -13.44 29.64 4.92
C MET D 98 -12.67 30.49 5.90
N TYR D 99 -12.11 29.86 6.93
CA TYR D 99 -11.27 30.59 7.87
C TYR D 99 -10.19 29.69 8.47
N GLY D 100 -9.18 30.32 9.07
CA GLY D 100 -8.09 29.57 9.66
C GLY D 100 -6.79 30.34 9.66
N CYS D 101 -5.71 29.67 10.04
CA CYS D 101 -4.42 30.32 10.20
C CYS D 101 -3.31 29.55 9.52
N ASP D 102 -2.21 30.26 9.22
CA ASP D 102 -1.01 29.65 8.67
C ASP D 102 0.15 29.90 9.64
N VAL D 103 0.94 28.87 9.91
CA VAL D 103 2.11 29.03 10.76
C VAL D 103 3.37 28.58 10.03
N GLY D 104 4.49 29.21 10.35
CA GLY D 104 5.76 28.85 9.75
C GLY D 104 6.38 27.65 10.45
N PRO D 105 7.63 27.33 10.09
CA PRO D 105 8.35 26.22 10.72
C PRO D 105 8.52 26.46 12.22
N ASP D 106 8.60 27.73 12.61
CA ASP D 106 8.75 28.09 14.02
C ASP D 106 7.45 27.91 14.80
N GLY D 107 6.35 27.79 14.07
CA GLY D 107 5.05 27.59 14.69
C GLY D 107 4.36 28.89 15.04
N ARG D 108 4.87 30.00 14.50
CA ARG D 108 4.30 31.31 14.76
C ARG D 108 3.39 31.73 13.61
N LEU D 109 2.34 32.48 13.93
CA LEU D 109 1.38 32.90 12.92
C LEU D 109 2.03 33.62 11.74
N LEU D 110 1.77 33.11 10.54
CA LEU D 110 2.20 33.78 9.32
C LEU D 110 1.09 34.66 8.80
N ARG D 111 -0.13 34.14 8.81
CA ARG D 111 -1.30 34.80 8.27
C ARG D 111 -2.63 34.21 8.72
N GLY D 112 -3.63 35.05 8.91
CA GLY D 112 -4.95 34.58 9.27
C GLY D 112 -5.95 34.82 8.16
N HIS D 113 -6.99 33.98 8.11
CA HIS D 113 -7.98 34.09 7.03
C HIS D 113 -9.41 34.00 7.57
N ASN D 114 -10.31 34.74 6.93
CA ASN D 114 -11.73 34.65 7.23
C ASN D 114 -12.54 35.34 6.15
N GLN D 115 -13.08 34.55 5.23
CA GLN D 115 -13.83 35.11 4.11
C GLN D 115 -15.10 34.35 3.78
N PHE D 116 -16.07 35.07 3.22
CA PHE D 116 -17.38 34.52 2.91
C PHE D 116 -17.69 34.67 1.43
N ALA D 117 -18.48 33.74 0.91
CA ALA D 117 -18.96 33.83 -0.45
C ALA D 117 -20.45 33.55 -0.48
N TYR D 118 -21.18 34.34 -1.26
CA TYR D 118 -22.61 34.14 -1.42
C TYR D 118 -22.91 33.74 -2.85
N ASP D 119 -23.54 32.58 -3.01
CA ASP D 119 -23.84 32.04 -4.33
C ASP D 119 -22.60 31.93 -5.21
N GLY D 120 -21.48 31.51 -4.61
CA GLY D 120 -20.26 31.25 -5.34
C GLY D 120 -19.39 32.45 -5.62
N LYS D 121 -19.79 33.61 -5.12
CA LYS D 121 -19.06 34.85 -5.37
C LYS D 121 -18.58 35.50 -4.08
N ASP D 122 -17.38 36.04 -4.11
CA ASP D 122 -16.84 36.77 -2.96
C ASP D 122 -17.86 37.76 -2.41
N TYR D 123 -18.09 37.70 -1.10
CA TYR D 123 -19.05 38.58 -0.46
C TYR D 123 -18.34 39.53 0.51
N ILE D 124 -17.67 38.98 1.50
CA ILE D 124 -16.91 39.79 2.45
C ILE D 124 -15.71 39.01 2.98
N ALA D 125 -14.60 39.72 3.19
CA ALA D 125 -13.38 39.07 3.64
C ALA D 125 -12.64 39.92 4.65
N LEU D 126 -11.97 39.25 5.59
CA LEU D 126 -11.16 39.93 6.59
C LEU D 126 -9.76 40.14 6.03
N ASN D 127 -9.34 41.40 5.93
CA ASN D 127 -8.05 41.73 5.36
C ASN D 127 -6.88 41.12 6.14
N GLU D 128 -5.71 41.09 5.52
CA GLU D 128 -4.54 40.43 6.10
C GLU D 128 -4.15 41.06 7.44
N ASP D 129 -4.55 42.31 7.65
CA ASP D 129 -4.24 43.00 8.90
C ASP D 129 -5.14 42.53 10.03
N LEU D 130 -6.17 41.77 9.67
CA LEU D 130 -7.11 41.23 10.64
C LEU D 130 -7.81 42.32 11.46
N SER D 131 -8.04 43.47 10.82
CA SER D 131 -8.67 44.60 11.50
C SER D 131 -9.58 45.39 10.57
N SER D 132 -9.59 45.03 9.29
CA SER D 132 -10.41 45.72 8.32
C SER D 132 -11.07 44.73 7.38
N TRP D 133 -12.20 45.13 6.79
CA TRP D 133 -12.97 44.26 5.91
C TRP D 133 -12.95 44.75 4.47
N THR D 134 -13.11 43.81 3.54
CA THR D 134 -13.31 44.14 2.13
C THR D 134 -14.67 43.61 1.71
N ALA D 135 -15.59 44.52 1.41
CA ALA D 135 -16.93 44.15 0.97
C ALA D 135 -17.01 44.16 -0.55
N ALA D 136 -17.61 43.12 -1.12
CA ALA D 136 -17.65 42.97 -2.57
C ALA D 136 -18.67 43.90 -3.23
N ASP D 137 -19.75 44.20 -2.52
CA ASP D 137 -20.80 45.07 -3.05
C ASP D 137 -21.53 45.81 -1.93
N THR D 138 -22.59 46.51 -2.28
CA THR D 138 -23.33 47.32 -1.33
C THR D 138 -23.99 46.48 -0.22
N ALA D 139 -24.42 45.28 -0.57
CA ALA D 139 -25.02 44.38 0.41
C ALA D 139 -24.01 44.02 1.49
N ALA D 140 -22.82 43.60 1.05
CA ALA D 140 -21.75 43.22 1.97
C ALA D 140 -21.34 44.40 2.84
N GLN D 141 -21.54 45.60 2.33
CA GLN D 141 -21.22 46.81 3.09
C GLN D 141 -22.14 46.93 4.29
N ILE D 142 -23.39 46.50 4.12
CA ILE D 142 -24.34 46.44 5.23
C ILE D 142 -23.82 45.50 6.32
N THR D 143 -23.37 44.32 5.89
CA THR D 143 -22.80 43.35 6.81
C THR D 143 -21.58 43.95 7.51
N GLN D 144 -20.77 44.66 6.75
CA GLN D 144 -19.56 45.28 7.28
C GLN D 144 -19.86 46.25 8.41
N ARG D 145 -20.87 47.09 8.26
CA ARG D 145 -21.29 48.02 9.29
C ARG D 145 -21.78 47.34 10.52
N LYS D 146 -22.54 46.27 10.34
CA LYS D 146 -22.99 45.46 11.43
C LYS D 146 -21.80 44.94 12.21
N TRP D 147 -20.88 44.31 11.51
CA TRP D 147 -19.73 43.63 12.09
C TRP D 147 -18.71 44.59 12.70
N GLU D 148 -18.57 45.77 12.11
CA GLU D 148 -17.70 46.80 12.68
C GLU D 148 -18.28 47.32 13.99
N ALA D 149 -19.61 47.39 14.04
CA ALA D 149 -20.29 47.86 15.24
C ALA D 149 -20.21 46.83 16.35
N ALA D 150 -20.12 45.56 15.97
CA ALA D 150 -20.02 44.47 16.94
C ALA D 150 -18.58 44.08 17.18
N ARG D 151 -17.66 44.80 16.53
CA ARG D 151 -16.23 44.55 16.69
C ARG D 151 -15.90 43.09 16.43
N VAL D 152 -16.41 42.56 15.32
CA VAL D 152 -16.17 41.18 14.93
C VAL D 152 -14.69 40.93 14.62
N ALA D 153 -14.08 41.87 13.91
CA ALA D 153 -12.69 41.73 13.49
C ALA D 153 -11.77 41.48 14.68
N GLU D 154 -11.99 42.22 15.77
CA GLU D 154 -11.17 42.08 16.96
C GLU D 154 -11.30 40.68 17.56
N GLN D 155 -12.53 40.20 17.67
CA GLN D 155 -12.78 38.87 18.23
C GLN D 155 -12.11 37.79 17.39
N LEU D 156 -12.14 37.94 16.07
CA LEU D 156 -11.53 36.96 15.18
C LEU D 156 -10.01 37.02 15.23
N ARG D 157 -9.46 38.22 15.33
CA ARG D 157 -8.01 38.37 15.46
C ARG D 157 -7.53 37.66 16.71
N THR D 158 -8.30 37.76 17.79
CA THR D 158 -7.98 37.07 19.03
C THR D 158 -7.91 35.56 18.80
N TYR D 159 -8.85 35.03 18.02
CA TYR D 159 -8.88 33.61 17.70
C TYR D 159 -7.76 33.22 16.75
N LEU D 160 -7.62 33.98 15.67
CA LEU D 160 -6.65 33.65 14.63
C LEU D 160 -5.19 33.76 15.10
N GLU D 161 -4.93 34.67 16.03
CA GLU D 161 -3.57 34.88 16.53
C GLU D 161 -3.27 34.01 17.74
N GLY D 162 -4.31 33.47 18.37
CA GLY D 162 -4.14 32.69 19.58
C GLY D 162 -4.67 31.27 19.50
N THR D 163 -5.95 31.11 19.78
CA THR D 163 -6.58 29.79 19.80
C THR D 163 -6.24 28.97 18.56
N CYS D 164 -6.36 29.59 17.39
CA CYS D 164 -6.17 28.90 16.12
C CYS D 164 -4.78 28.29 15.99
N VAL D 165 -3.75 29.09 16.26
CA VAL D 165 -2.38 28.61 16.14
C VAL D 165 -2.04 27.59 17.22
N GLU D 166 -2.60 27.78 18.41
CA GLU D 166 -2.34 26.88 19.53
C GLU D 166 -2.87 25.48 19.24
N TRP D 167 -4.06 25.40 18.65
CA TRP D 167 -4.63 24.10 18.29
C TRP D 167 -3.87 23.48 17.12
N LEU D 168 -3.52 24.31 16.13
CA LEU D 168 -2.75 23.82 14.99
C LEU D 168 -1.44 23.19 15.48
N ARG D 169 -0.76 23.87 16.40
CA ARG D 169 0.47 23.33 16.98
C ARG D 169 0.21 21.97 17.60
N ARG D 170 -0.87 21.89 18.37
CA ARG D 170 -1.25 20.65 19.04
C ARG D 170 -1.51 19.53 18.04
N TYR D 171 -2.32 19.82 17.02
CA TYR D 171 -2.64 18.82 15.99
C TYR D 171 -1.38 18.32 15.29
N LEU D 172 -0.49 19.25 14.97
CA LEU D 172 0.76 18.91 14.27
C LEU D 172 1.63 17.97 15.11
N GLU D 173 1.65 18.21 16.43
CA GLU D 173 2.42 17.36 17.32
C GLU D 173 1.79 15.97 17.43
N ASN D 174 0.49 15.94 17.72
CA ASN D 174 -0.22 14.68 17.89
C ASN D 174 -0.20 13.82 16.62
N GLY D 175 -0.26 14.46 15.46
CA GLY D 175 -0.25 13.75 14.20
C GLY D 175 1.06 13.87 13.44
N LYS D 176 2.14 14.13 14.17
CA LYS D 176 3.43 14.38 13.52
C LYS D 176 3.92 13.21 12.67
N GLU D 177 3.56 11.98 13.06
CA GLU D 177 4.01 10.82 12.31
C GLU D 177 3.41 10.75 10.91
N THR D 178 2.28 11.42 10.71
CA THR D 178 1.62 11.43 9.41
C THR D 178 1.58 12.83 8.78
N LEU D 179 1.36 13.84 9.61
CA LEU D 179 1.26 15.22 9.13
C LEU D 179 2.62 15.82 8.79
N GLN D 180 3.66 15.37 9.47
CA GLN D 180 4.99 15.92 9.25
C GLN D 180 5.95 14.88 8.65
N ARG D 181 5.38 13.89 7.98
CA ARG D 181 6.17 12.86 7.31
C ARG D 181 5.71 12.73 5.86
N ALA D 182 6.28 13.53 4.98
CA ALA D 182 5.89 13.53 3.57
C ALA D 182 6.05 12.14 2.96
N ASP D 183 5.12 11.79 2.12
CA ASP D 183 5.15 10.57 1.38
C ASP D 183 5.55 10.87 -0.01
N PRO D 184 6.72 10.41 -0.41
CA PRO D 184 7.16 10.61 -1.79
C PRO D 184 6.30 9.81 -2.76
N PRO D 185 6.11 10.34 -3.98
CA PRO D 185 5.31 9.62 -4.97
C PRO D 185 6.02 8.35 -5.43
N LYS D 186 5.24 7.30 -5.67
CA LYS D 186 5.74 6.14 -6.39
C LYS D 186 5.56 6.44 -7.87
N THR D 187 6.63 6.32 -8.64
CA THR D 187 6.60 6.77 -10.02
C THR D 187 6.97 5.68 -11.01
N HIS D 188 6.40 5.76 -12.21
CA HIS D 188 6.78 4.89 -13.30
C HIS D 188 6.32 5.47 -14.64
N VAL D 189 6.88 4.95 -15.72
CA VAL D 189 6.53 5.41 -17.06
C VAL D 189 5.92 4.27 -17.86
N THR D 190 4.76 4.52 -18.44
CA THR D 190 4.09 3.51 -19.26
C THR D 190 4.07 3.94 -20.73
N HIS D 191 4.06 2.95 -21.62
CA HIS D 191 4.15 3.19 -23.06
C HIS D 191 2.90 2.63 -23.72
N HIS D 192 2.16 3.49 -24.42
CA HIS D 192 0.92 3.10 -25.07
C HIS D 192 0.94 3.51 -26.55
N PRO D 193 1.16 2.53 -27.44
CA PRO D 193 1.16 2.81 -28.88
C PRO D 193 -0.18 3.33 -29.36
N ILE D 194 -0.18 4.46 -30.04
CA ILE D 194 -1.39 5.02 -30.64
C ILE D 194 -1.56 4.39 -32.02
N SER D 195 -0.56 4.62 -32.86
CA SER D 195 -0.49 3.96 -34.16
C SER D 195 0.88 3.29 -34.27
N ASP D 196 1.28 2.97 -35.49
CA ASP D 196 2.58 2.35 -35.71
C ASP D 196 3.69 3.39 -35.73
N HIS D 197 3.31 4.66 -35.88
CA HIS D 197 4.29 5.73 -36.06
C HIS D 197 4.44 6.63 -34.82
N GLU D 198 3.55 6.48 -33.86
CA GLU D 198 3.61 7.27 -32.63
C GLU D 198 2.99 6.56 -31.44
N ALA D 199 3.34 7.00 -30.23
CA ALA D 199 2.85 6.37 -29.01
C ALA D 199 2.76 7.37 -27.87
N THR D 200 1.97 7.03 -26.86
CA THR D 200 1.84 7.88 -25.68
C THR D 200 2.80 7.41 -24.59
N LEU D 201 3.57 8.35 -24.05
CA LEU D 201 4.37 8.10 -22.88
C LEU D 201 3.69 8.78 -21.69
N ARG D 202 3.34 8.00 -20.68
CA ARG D 202 2.64 8.54 -19.52
C ARG D 202 3.48 8.37 -18.25
N CYS D 203 3.72 9.49 -17.57
CA CYS D 203 4.48 9.49 -16.33
C CYS D 203 3.51 9.50 -15.16
N TRP D 204 3.64 8.52 -14.27
CA TRP D 204 2.73 8.38 -13.14
C TRP D 204 3.36 8.79 -11.82
N ALA D 205 2.60 9.53 -11.01
CA ALA D 205 2.98 9.80 -9.62
C ALA D 205 1.85 9.34 -8.72
N LEU D 206 2.12 8.34 -7.87
CA LEU D 206 1.07 7.71 -7.08
C LEU D 206 1.37 7.71 -5.59
N GLY D 207 0.31 7.84 -4.79
CA GLY D 207 0.40 7.68 -3.35
C GLY D 207 1.24 8.72 -2.63
N PHE D 208 1.22 9.96 -3.12
CA PHE D 208 2.03 11.01 -2.50
C PHE D 208 1.23 11.93 -1.58
N TYR D 209 1.93 12.50 -0.61
CA TYR D 209 1.37 13.50 0.30
C TYR D 209 2.49 14.43 0.77
N PRO D 210 2.23 15.74 0.79
CA PRO D 210 0.96 16.40 0.46
C PRO D 210 0.67 16.45 -1.04
N ALA D 211 -0.40 17.15 -1.41
CA ALA D 211 -0.87 17.17 -2.79
C ALA D 211 0.05 17.93 -3.73
N GLU D 212 0.72 18.95 -3.22
CA GLU D 212 1.60 19.78 -4.03
C GLU D 212 2.67 18.93 -4.73
N ILE D 213 2.75 19.07 -6.05
CA ILE D 213 3.71 18.30 -6.83
C ILE D 213 3.91 18.97 -8.19
N THR D 214 5.07 18.72 -8.81
CA THR D 214 5.32 19.18 -10.16
C THR D 214 5.68 18.01 -11.07
N LEU D 215 4.88 17.80 -12.10
CA LEU D 215 5.14 16.78 -13.11
C LEU D 215 5.33 17.45 -14.46
N THR D 216 6.43 17.14 -15.14
CA THR D 216 6.70 17.74 -16.43
C THR D 216 7.46 16.81 -17.36
N TRP D 217 7.19 16.94 -18.66
CA TRP D 217 7.95 16.22 -19.68
C TRP D 217 8.89 17.16 -20.39
N GLN D 218 10.10 16.70 -20.67
CA GLN D 218 11.06 17.46 -21.45
C GLN D 218 11.49 16.68 -22.68
N ARG D 219 11.80 17.41 -23.75
CA ARG D 219 12.43 16.82 -24.92
C ARG D 219 13.74 17.55 -25.20
N ASP D 220 14.85 16.82 -25.07
CA ASP D 220 16.17 17.40 -25.24
C ASP D 220 16.45 18.48 -24.21
N GLY D 221 15.65 18.49 -23.14
CA GLY D 221 15.86 19.43 -22.05
C GLY D 221 14.95 20.65 -22.09
N GLU D 222 14.02 20.63 -23.02
CA GLU D 222 13.10 21.70 -23.26
C GLU D 222 11.66 21.36 -22.78
N ASP D 223 11.11 22.12 -21.84
CA ASP D 223 9.79 21.82 -21.33
C ASP D 223 8.76 21.72 -22.45
N GLN D 224 7.81 20.83 -22.33
CA GLN D 224 6.77 20.72 -23.29
C GLN D 224 5.44 21.17 -22.72
N THR D 225 5.39 22.32 -22.04
CA THR D 225 4.20 22.88 -21.41
C THR D 225 3.02 22.93 -22.38
N GLN D 226 3.32 23.04 -23.68
CA GLN D 226 2.29 23.22 -24.68
C GLN D 226 1.75 21.90 -25.23
N ASP D 227 2.54 20.84 -25.13
CA ASP D 227 2.17 19.56 -25.73
C ASP D 227 1.98 18.43 -24.72
N THR D 228 1.91 18.77 -23.44
CA THR D 228 1.74 17.76 -22.39
C THR D 228 0.30 17.73 -21.90
N GLU D 229 -0.26 16.53 -21.78
CA GLU D 229 -1.56 16.38 -21.14
C GLU D 229 -1.34 16.11 -19.66
N LEU D 230 -1.77 17.00 -18.83
CA LEU D 230 -1.55 16.90 -17.43
C LEU D 230 -2.88 16.82 -16.73
N VAL D 231 -3.14 15.78 -15.96
CA VAL D 231 -4.44 15.66 -15.30
C VAL D 231 -4.43 16.35 -13.95
N GLU D 232 -5.57 16.81 -13.48
CA GLU D 232 -5.56 17.47 -12.21
C GLU D 232 -5.25 16.48 -11.11
N THR D 233 -4.52 16.95 -10.12
CA THR D 233 -4.19 16.14 -8.97
C THR D 233 -5.47 15.65 -8.33
N ARG D 234 -5.50 14.37 -7.97
CA ARG D 234 -6.74 13.73 -7.52
C ARG D 234 -6.48 12.87 -6.30
N PRO D 235 -7.47 12.78 -5.39
CA PRO D 235 -7.34 11.98 -4.18
C PRO D 235 -7.44 10.49 -4.47
N ALA D 236 -6.54 9.69 -3.90
CA ALA D 236 -6.60 8.24 -4.06
C ALA D 236 -7.72 7.66 -3.21
N GLY D 237 -8.10 8.40 -2.16
CA GLY D 237 -9.15 7.95 -1.26
C GLY D 237 -8.60 7.41 0.05
N ASP D 238 -7.27 7.34 0.14
CA ASP D 238 -6.61 6.89 1.35
C ASP D 238 -5.76 8.00 1.96
N ARG D 239 -6.13 9.23 1.68
CA ARG D 239 -5.46 10.42 2.17
C ARG D 239 -4.24 10.81 1.37
N THR D 240 -3.89 10.01 0.38
CA THR D 240 -2.79 10.36 -0.53
C THR D 240 -3.35 10.75 -1.89
N PHE D 241 -2.46 11.18 -2.78
CA PHE D 241 -2.89 11.74 -4.06
C PHE D 241 -2.23 11.08 -5.26
N GLN D 242 -2.76 11.38 -6.44
CA GLN D 242 -2.27 10.83 -7.69
C GLN D 242 -2.21 11.92 -8.75
N LYS D 243 -1.39 11.70 -9.77
CA LYS D 243 -1.30 12.62 -10.90
C LYS D 243 -0.50 11.93 -12.00
N TRP D 244 -0.83 12.24 -13.25
CA TRP D 244 0.01 11.79 -14.36
C TRP D 244 0.12 12.82 -15.48
N ALA D 245 1.21 12.74 -16.22
CA ALA D 245 1.48 13.61 -17.36
C ALA D 245 1.82 12.75 -18.57
N ALA D 246 1.25 13.09 -19.71
CA ALA D 246 1.44 12.29 -20.92
C ALA D 246 1.88 13.15 -22.10
N VAL D 247 2.68 12.57 -22.98
CA VAL D 247 3.08 13.21 -24.23
C VAL D 247 2.99 12.22 -25.38
N VAL D 248 2.60 12.69 -26.54
CA VAL D 248 2.59 11.86 -27.73
C VAL D 248 3.97 11.93 -28.38
N VAL D 249 4.60 10.77 -28.51
CA VAL D 249 5.98 10.69 -28.97
C VAL D 249 6.09 9.99 -30.33
N PRO D 250 6.83 10.61 -31.25
CA PRO D 250 7.13 9.97 -32.54
C PRO D 250 7.88 8.66 -32.30
N SER D 251 7.33 7.57 -32.83
CA SER D 251 7.96 6.26 -32.69
C SER D 251 9.45 6.31 -33.00
N GLY D 252 10.27 5.93 -32.02
CA GLY D 252 11.71 5.91 -32.18
C GLY D 252 12.40 7.06 -31.46
N GLU D 253 11.62 8.05 -31.04
CA GLU D 253 12.19 9.22 -30.38
C GLU D 253 12.04 9.20 -28.87
N GLU D 254 11.62 8.07 -28.32
CA GLU D 254 11.39 7.95 -26.88
C GLU D 254 12.62 8.39 -26.09
N GLN D 255 13.79 8.34 -26.66
CA GLN D 255 14.92 8.66 -25.86
C GLN D 255 15.13 10.15 -25.67
N ARG D 256 14.49 10.98 -26.49
CA ARG D 256 14.59 12.42 -26.29
C ARG D 256 13.79 12.90 -25.08
N TYR D 257 12.92 12.04 -24.57
CA TYR D 257 11.95 12.45 -23.56
C TYR D 257 12.31 12.02 -22.14
N THR D 258 12.21 12.97 -21.21
CA THR D 258 12.42 12.69 -19.80
C THR D 258 11.28 13.26 -18.97
N CYS D 259 10.84 12.50 -17.98
CA CYS D 259 9.82 12.98 -17.05
C CYS D 259 10.48 13.48 -15.77
N HIS D 260 10.06 14.65 -15.32
CA HIS D 260 10.65 15.24 -14.13
C HIS D 260 9.61 15.38 -13.03
N VAL D 261 9.98 14.95 -11.83
CA VAL D 261 9.07 14.96 -10.70
C VAL D 261 9.67 15.73 -9.53
N GLN D 262 8.93 16.71 -9.03
CA GLN D 262 9.33 17.44 -7.83
C GLN D 262 8.29 17.26 -6.74
N HIS D 263 8.71 16.92 -5.55
CA HIS D 263 7.84 16.68 -4.42
C HIS D 263 8.65 16.74 -3.13
N GLU D 264 8.13 17.35 -2.08
CA GLU D 264 8.89 17.55 -0.85
C GLU D 264 9.24 16.24 -0.17
N GLY D 265 8.57 15.16 -0.57
CA GLY D 265 8.87 13.85 -0.02
C GLY D 265 10.11 13.23 -0.63
N LEU D 266 10.56 13.81 -1.73
CA LEU D 266 11.74 13.31 -2.45
C LEU D 266 13.03 13.98 -1.98
N PRO D 267 14.05 13.17 -1.68
CA PRO D 267 15.38 13.70 -1.35
C PRO D 267 15.87 14.64 -2.44
N LYS D 268 15.77 14.19 -3.69
CA LYS D 268 16.12 15.01 -4.84
C LYS D 268 15.11 14.81 -5.96
N PRO D 269 14.89 15.84 -6.78
CA PRO D 269 13.97 15.73 -7.90
C PRO D 269 14.31 14.52 -8.75
N LEU D 270 13.28 13.86 -9.29
CA LEU D 270 13.49 12.65 -10.09
C LEU D 270 13.53 12.96 -11.58
N THR D 271 14.32 12.18 -12.31
CA THR D 271 14.35 12.25 -13.76
C THR D 271 14.08 10.87 -14.33
N LEU D 272 12.90 10.68 -14.89
CA LEU D 272 12.48 9.37 -15.38
C LEU D 272 12.47 9.29 -16.91
N ARG D 273 12.61 8.08 -17.41
CA ARG D 273 12.49 7.83 -18.84
C ARG D 273 11.90 6.44 -19.10
N TRP D 274 11.41 6.23 -20.32
CA TRP D 274 10.77 4.97 -20.68
C TRP D 274 11.73 3.79 -20.58
N ILE E 1 -23.75 32.33 -13.40
CA ILE E 1 -22.53 31.99 -12.69
C ILE E 1 -22.64 30.60 -12.06
N GLN E 2 -22.90 29.61 -12.90
CA GLN E 2 -22.84 28.20 -12.50
C GLN E 2 -21.64 27.55 -13.17
N ARG E 3 -21.02 26.59 -12.48
CA ARG E 3 -19.83 25.93 -12.99
C ARG E 3 -20.02 24.42 -13.11
N THR E 4 -19.71 23.89 -14.28
CA THR E 4 -19.92 22.47 -14.57
C THR E 4 -18.79 21.62 -13.99
N PRO E 5 -19.12 20.42 -13.49
CA PRO E 5 -18.11 19.60 -12.82
C PRO E 5 -17.07 19.00 -13.75
N LYS E 6 -15.81 19.03 -13.33
CA LYS E 6 -14.77 18.22 -13.96
C LYS E 6 -14.93 16.82 -13.38
N ILE E 7 -14.62 15.80 -14.18
CA ILE E 7 -14.83 14.42 -13.78
C ILE E 7 -13.64 13.54 -14.11
N GLN E 8 -13.15 12.81 -13.10
CA GLN E 8 -12.14 11.79 -13.34
C GLN E 8 -12.58 10.47 -12.72
N VAL E 9 -12.43 9.39 -13.50
CA VAL E 9 -12.73 8.05 -13.01
C VAL E 9 -11.44 7.25 -13.00
N TYR E 10 -11.16 6.58 -11.90
CA TYR E 10 -9.90 5.86 -11.73
C TYR E 10 -9.96 4.94 -10.53
N SER E 11 -8.92 4.14 -10.34
CA SER E 11 -8.85 3.23 -9.20
C SER E 11 -7.86 3.73 -8.15
N ARG E 12 -8.09 3.38 -6.90
CA ARG E 12 -7.18 3.76 -5.81
C ARG E 12 -5.80 3.16 -6.05
N HIS E 13 -5.78 1.87 -6.40
CA HIS E 13 -4.52 1.19 -6.66
C HIS E 13 -4.51 0.71 -8.11
N PRO E 14 -3.31 0.50 -8.67
CA PRO E 14 -3.21 -0.04 -10.03
C PRO E 14 -4.04 -1.30 -10.17
N ALA E 15 -4.88 -1.34 -11.20
CA ALA E 15 -5.82 -2.45 -11.38
C ALA E 15 -5.12 -3.78 -11.62
N GLU E 16 -5.55 -4.80 -10.88
CA GLU E 16 -5.16 -6.18 -11.14
C GLU E 16 -6.42 -7.01 -11.17
N ASN E 17 -6.71 -7.63 -12.31
CA ASN E 17 -7.90 -8.45 -12.43
C ASN E 17 -8.00 -9.49 -11.32
N GLY E 18 -9.15 -9.57 -10.68
CA GLY E 18 -9.37 -10.53 -9.61
C GLY E 18 -8.89 -10.06 -8.25
N LYS E 19 -8.25 -8.91 -8.20
CA LYS E 19 -7.80 -8.36 -6.92
C LYS E 19 -8.65 -7.17 -6.46
N SER E 20 -9.09 -7.22 -5.22
CA SER E 20 -9.95 -6.19 -4.64
C SER E 20 -9.28 -4.81 -4.67
N ASN E 21 -10.07 -3.79 -4.98
CA ASN E 21 -9.56 -2.44 -5.19
C ASN E 21 -10.66 -1.44 -4.84
N PHE E 22 -10.43 -0.17 -5.16
CA PHE E 22 -11.48 0.85 -5.01
C PHE E 22 -11.65 1.64 -6.30
N LEU E 23 -12.90 1.76 -6.74
CA LEU E 23 -13.23 2.56 -7.91
C LEU E 23 -13.62 3.97 -7.48
N ASN E 24 -12.94 4.96 -8.04
CA ASN E 24 -13.17 6.36 -7.69
C ASN E 24 -13.81 7.17 -8.80
N CYS E 25 -14.70 8.07 -8.43
CA CYS E 25 -15.15 9.11 -9.34
C CYS E 25 -15.02 10.45 -8.63
N TYR E 26 -14.06 11.25 -9.10
CA TYR E 26 -13.75 12.53 -8.48
C TYR E 26 -14.38 13.66 -9.29
N VAL E 27 -15.32 14.37 -8.68
CA VAL E 27 -15.94 15.52 -9.33
C VAL E 27 -15.50 16.80 -8.64
N SER E 28 -15.10 17.80 -9.43
CA SER E 28 -14.53 19.03 -8.89
C SER E 28 -14.86 20.24 -9.75
N GLY E 29 -14.67 21.43 -9.19
CA GLY E 29 -14.86 22.66 -9.92
C GLY E 29 -16.30 23.02 -10.23
N PHE E 30 -17.25 22.45 -9.48
CA PHE E 30 -18.66 22.68 -9.76
C PHE E 30 -19.37 23.59 -8.76
N HIS E 31 -20.41 24.27 -9.22
CA HIS E 31 -21.21 25.14 -8.39
C HIS E 31 -22.54 25.32 -9.12
N PRO E 32 -23.67 25.17 -8.40
CA PRO E 32 -23.83 24.91 -6.97
C PRO E 32 -23.44 23.49 -6.56
N SER E 33 -23.56 23.18 -5.26
CA SER E 33 -23.07 21.92 -4.72
C SER E 33 -23.98 20.72 -4.98
N ASP E 34 -25.25 20.99 -5.29
CA ASP E 34 -26.20 19.93 -5.60
C ASP E 34 -25.71 19.14 -6.81
N ILE E 35 -25.51 17.84 -6.62
CA ILE E 35 -24.99 17.00 -7.69
C ILE E 35 -25.36 15.53 -7.49
N GLU E 36 -25.53 14.82 -8.58
CA GLU E 36 -25.85 13.42 -8.54
C GLU E 36 -24.74 12.61 -9.18
N VAL E 37 -24.17 11.68 -8.44
CA VAL E 37 -23.07 10.86 -8.93
C VAL E 37 -23.33 9.39 -8.66
N ASP E 38 -23.46 8.61 -9.72
CA ASP E 38 -23.62 7.16 -9.60
C ASP E 38 -22.41 6.46 -10.22
N LEU E 39 -21.98 5.37 -9.60
CA LEU E 39 -20.99 4.50 -10.19
C LEU E 39 -21.72 3.36 -10.86
N LEU E 40 -21.30 3.02 -12.08
CA LEU E 40 -22.00 2.01 -12.86
C LEU E 40 -21.15 0.76 -13.09
N LYS E 41 -21.78 -0.40 -13.03
CA LYS E 41 -21.16 -1.65 -13.44
C LYS E 41 -21.99 -2.27 -14.56
N ASN E 42 -21.40 -2.37 -15.74
CA ASN E 42 -22.12 -2.87 -16.91
C ASN E 42 -23.46 -2.14 -17.08
N GLY E 43 -23.43 -0.83 -16.94
CA GLY E 43 -24.60 0.01 -17.18
C GLY E 43 -25.56 0.13 -16.01
N GLU E 44 -25.40 -0.75 -15.01
CA GLU E 44 -26.30 -0.77 -13.87
C GLU E 44 -25.71 -0.07 -12.65
N ARG E 45 -26.54 0.72 -11.97
CA ARG E 45 -26.11 1.48 -10.81
C ARG E 45 -25.62 0.57 -9.68
N ILE E 46 -24.51 0.96 -9.07
CA ILE E 46 -23.95 0.24 -7.93
C ILE E 46 -24.51 0.83 -6.63
N GLU E 47 -24.96 -0.03 -5.76
CA GLU E 47 -25.71 0.36 -4.58
C GLU E 47 -24.93 0.89 -3.43
N LYS E 48 -23.86 0.27 -3.07
CA LYS E 48 -23.20 0.76 -1.89
C LYS E 48 -22.20 1.81 -2.33
N VAL E 49 -22.54 3.07 -2.57
CA VAL E 49 -21.47 3.94 -3.02
C VAL E 49 -21.33 5.06 -2.01
N GLU E 50 -20.12 5.25 -1.48
CA GLU E 50 -19.88 6.26 -0.48
C GLU E 50 -19.23 7.49 -1.08
N HIS E 51 -19.22 8.60 -0.33
CA HIS E 51 -18.60 9.81 -0.81
C HIS E 51 -17.95 10.61 0.32
N SER E 52 -16.99 11.46 -0.04
CA SER E 52 -16.29 12.29 0.93
C SER E 52 -17.20 13.42 1.40
N ASP E 53 -16.77 14.12 2.44
CA ASP E 53 -17.53 15.25 2.97
C ASP E 53 -17.37 16.48 2.08
N LEU E 54 -18.49 17.13 1.79
CA LEU E 54 -18.49 18.31 0.92
C LEU E 54 -17.47 19.36 1.37
N SER E 55 -16.58 19.72 0.45
CA SER E 55 -15.63 20.79 0.69
C SER E 55 -15.48 21.61 -0.59
N PHE E 56 -14.69 22.67 -0.54
CA PHE E 56 -14.52 23.51 -1.71
C PHE E 56 -13.11 24.08 -1.83
N SER E 57 -12.79 24.58 -3.02
CA SER E 57 -11.46 25.12 -3.30
C SER E 57 -11.40 26.63 -3.10
N LYS E 58 -10.25 27.21 -3.40
CA LYS E 58 -10.03 28.64 -3.22
C LYS E 58 -11.02 29.50 -3.99
N ASP E 59 -11.42 29.04 -5.17
CA ASP E 59 -12.36 29.78 -6.00
C ASP E 59 -13.81 29.47 -5.64
N TRP E 60 -14.01 28.76 -4.52
CA TRP E 60 -15.33 28.46 -3.98
C TRP E 60 -16.04 27.28 -4.64
N SER E 61 -15.42 26.71 -5.69
CA SER E 61 -16.02 25.59 -6.38
C SER E 61 -15.89 24.31 -5.54
N PHE E 62 -16.90 23.45 -5.62
CA PHE E 62 -16.95 22.26 -4.77
C PHE E 62 -16.24 21.07 -5.37
N TYR E 63 -15.83 20.14 -4.50
CA TYR E 63 -15.28 18.87 -4.96
C TYR E 63 -15.72 17.72 -4.03
N LEU E 64 -15.91 16.55 -4.63
CA LEU E 64 -16.34 15.37 -3.90
C LEU E 64 -15.70 14.12 -4.51
N LEU E 65 -15.35 13.16 -3.67
CA LEU E 65 -14.91 11.86 -4.14
C LEU E 65 -15.98 10.83 -3.84
N TYR E 66 -16.44 10.15 -4.88
CA TYR E 66 -17.36 9.03 -4.72
C TYR E 66 -16.59 7.75 -4.99
N TYR E 67 -16.78 6.74 -4.15
CA TYR E 67 -15.98 5.53 -4.26
C TYR E 67 -16.73 4.30 -3.78
N THR E 68 -16.32 3.15 -4.32
CA THR E 68 -16.86 1.87 -3.89
C THR E 68 -15.79 0.80 -4.05
N GLU E 69 -15.83 -0.21 -3.20
CA GLU E 69 -14.92 -1.33 -3.33
C GLU E 69 -15.33 -2.12 -4.57
N PHE E 70 -14.34 -2.59 -5.34
CA PHE E 70 -14.64 -3.41 -6.50
C PHE E 70 -13.47 -4.31 -6.87
N THR E 71 -13.76 -5.34 -7.66
CA THR E 71 -12.74 -6.26 -8.14
C THR E 71 -12.76 -6.29 -9.66
N PRO E 72 -11.81 -5.60 -10.29
CA PRO E 72 -11.73 -5.51 -11.75
C PRO E 72 -11.70 -6.89 -12.40
N THR E 73 -12.26 -6.99 -13.60
CA THR E 73 -12.12 -8.18 -14.42
C THR E 73 -11.82 -7.75 -15.84
N GLU E 74 -11.53 -8.71 -16.71
CA GLU E 74 -11.26 -8.38 -18.11
C GLU E 74 -12.48 -7.76 -18.77
N LYS E 75 -13.65 -8.32 -18.47
CA LYS E 75 -14.86 -8.03 -19.23
C LYS E 75 -15.75 -6.92 -18.63
N ASP E 76 -15.76 -6.80 -17.32
CA ASP E 76 -16.68 -5.87 -16.66
C ASP E 76 -16.38 -4.40 -16.98
N GLU E 77 -17.42 -3.67 -17.34
CA GLU E 77 -17.32 -2.25 -17.69
C GLU E 77 -17.76 -1.39 -16.51
N TYR E 78 -16.91 -0.46 -16.10
CA TYR E 78 -17.25 0.46 -15.04
C TYR E 78 -17.25 1.89 -15.56
N ALA E 79 -18.08 2.75 -14.96
CA ALA E 79 -18.17 4.14 -15.37
C ALA E 79 -18.76 4.99 -14.26
N CYS E 80 -18.75 6.31 -14.47
CA CYS E 80 -19.35 7.23 -13.54
C CYS E 80 -20.40 8.05 -14.27
N ARG E 81 -21.58 8.18 -13.68
CA ARG E 81 -22.65 8.97 -14.28
C ARG E 81 -22.95 10.20 -13.42
N VAL E 82 -22.78 11.38 -14.01
CA VAL E 82 -22.91 12.63 -13.26
C VAL E 82 -24.04 13.50 -13.80
N ASN E 83 -24.88 13.99 -12.90
CA ASN E 83 -25.92 14.94 -13.28
C ASN E 83 -25.81 16.21 -12.44
N HIS E 84 -25.93 17.35 -13.10
CA HIS E 84 -25.75 18.65 -12.47
C HIS E 84 -26.53 19.68 -13.28
N VAL E 85 -26.94 20.77 -12.65
CA VAL E 85 -27.78 21.77 -13.30
C VAL E 85 -27.15 22.31 -14.60
N THR E 86 -25.82 22.27 -14.67
CA THR E 86 -25.11 22.77 -15.84
C THR E 86 -25.10 21.78 -17.00
N LEU E 87 -25.75 20.63 -16.80
CA LEU E 87 -25.76 19.57 -17.80
C LEU E 87 -27.18 19.29 -18.29
N SER E 88 -27.40 19.40 -19.59
CA SER E 88 -28.71 19.15 -20.17
C SER E 88 -29.06 17.67 -20.09
N GLN E 89 -28.03 16.83 -20.00
CA GLN E 89 -28.23 15.39 -19.81
C GLN E 89 -27.06 14.80 -19.01
N PRO E 90 -27.29 13.64 -18.38
CA PRO E 90 -26.25 13.01 -17.57
C PRO E 90 -24.96 12.81 -18.37
N LYS E 91 -23.82 13.07 -17.73
CA LYS E 91 -22.54 12.87 -18.38
C LYS E 91 -21.91 11.58 -17.86
N ILE E 92 -21.57 10.69 -18.78
CA ILE E 92 -20.99 9.40 -18.41
C ILE E 92 -19.53 9.30 -18.80
N VAL E 93 -18.69 8.98 -17.81
CA VAL E 93 -17.27 8.80 -18.06
C VAL E 93 -16.87 7.36 -17.75
N LYS E 94 -16.29 6.68 -18.73
CA LYS E 94 -15.91 5.29 -18.58
C LYS E 94 -14.58 5.15 -17.85
N TRP E 95 -14.47 4.12 -17.00
CA TRP E 95 -13.21 3.82 -16.36
C TRP E 95 -12.25 3.18 -17.34
N ASP E 96 -11.03 3.70 -17.39
CA ASP E 96 -9.96 3.13 -18.20
C ASP E 96 -8.78 2.83 -17.27
N ARG E 97 -8.45 1.55 -17.13
CA ARG E 97 -7.42 1.15 -16.17
C ARG E 97 -6.05 1.79 -16.44
N ASP E 98 -5.89 2.35 -17.64
CA ASP E 98 -4.62 2.98 -18.01
C ASP E 98 -4.61 4.49 -17.77
N MET E 99 -5.67 5.01 -17.16
CA MET E 99 -5.78 6.45 -16.94
C MET E 99 -6.26 6.79 -15.52
N SER F 1 -9.64 23.52 16.44
CA SER F 1 -10.90 23.82 17.11
C SER F 1 -11.60 25.02 16.49
N HIS F 2 -12.93 24.95 16.44
CA HIS F 2 -13.76 25.93 15.77
C HIS F 2 -13.74 27.26 16.52
N VAL F 3 -13.94 28.36 15.79
CA VAL F 3 -14.05 29.66 16.44
C VAL F 3 -15.38 29.73 17.16
N ALA F 4 -15.37 30.18 18.42
CA ALA F 4 -16.57 30.20 19.24
C ALA F 4 -17.41 31.45 18.99
N VAL F 5 -16.86 32.38 18.22
CA VAL F 5 -17.55 33.63 17.90
C VAL F 5 -18.59 33.41 16.81
N GLU F 6 -19.77 33.99 17.00
CA GLU F 6 -20.85 33.85 16.04
C GLU F 6 -21.51 35.19 15.72
N ASN F 7 -21.65 35.48 14.43
CA ASN F 7 -22.29 36.71 13.99
C ASN F 7 -22.98 36.53 12.64
N ALA F 8 -24.30 36.71 12.63
CA ALA F 8 -25.06 36.61 11.39
C ALA F 8 -24.64 37.70 10.40
N LEU F 9 -24.68 37.38 9.12
CA LEU F 9 -24.34 38.36 8.09
C LEU F 9 -25.46 39.39 7.94
#